data_8AC9
#
_entry.id   8AC9
#
_cell.length_a   76.997
_cell.length_b   52.502
_cell.length_c   114.383
_cell.angle_alpha   90.000
_cell.angle_beta   95.760
_cell.angle_gamma   90.000
#
_symmetry.space_group_name_H-M   'P 1 21 1'
#
loop_
_entity.id
_entity.type
_entity.pdbx_description
1 polymer 'Keratinase KP1'
2 non-polymer 'ZINC ION'
3 water water
#
_entity_poly.entity_id   1
_entity_poly.type   'polypeptide(L)'
_entity_poly.pdbx_seq_one_letter_code
;SEAQQFTEFWTPGKPNPSICKSPLLVSTPLGLPRCLQASNVVKRLQKLEDIASLNDGNRAAATPGYQASVDYVKQTLQKA
GYKVSVQPFPFTAYYPKGPGSLSATVPQPVTYEWEKDFTYLSQTEAGDVTAKVVPVDLSLGAGNTSTSGCEAEDFANFPA
GSIALIQRGTCNFEQKAENAAAAGAAGVIIFNQGNTDDRKGLENVTVGESYEGGIPVIFATYDNGVAWSQTPDLQLHLVV
DVVRKKTETYNVVAETRRGNPNNVVMVGAHLDSVFEGPGINDNGSGSAAQLEMAVLLAKALPVNKVRFAWWGAEEAGLVG
STHYVQNLAPEEKKKIKAYLNFDMIGSPNFGNFIYDGDGSDFGLQGPPGSAAIERLFEAYFRLRGQQSEGTEIDFRSDYA
EFFNSGIAFGGLFTGAEGLKTEEQAQKYGGTAGKAYDECYHSKCDGIANINQDALEIHSDAMAFVTSWLSLSTKVVDDEI
AAAGQKLVPR
;
_entity_poly.pdbx_strand_id   A,B
#
loop_
_chem_comp.id
_chem_comp.type
_chem_comp.name
_chem_comp.formula
ZN non-polymer 'ZINC ION' 'Zn 2'
#
# COMPACT_ATOMS: atom_id res chain seq x y z
N SER A 22 11.32 -8.37 8.91
CA SER A 22 9.98 -8.83 9.31
C SER A 22 9.06 -9.13 8.12
N PRO A 23 8.48 -10.32 8.08
CA PRO A 23 7.55 -10.63 6.98
C PRO A 23 6.34 -9.72 6.92
N LEU A 24 5.88 -9.21 8.07
CA LEU A 24 4.80 -8.23 8.09
C LEU A 24 5.05 -7.13 7.06
N LEU A 25 6.20 -6.49 7.16
CA LEU A 25 6.50 -5.31 6.36
C LEU A 25 6.87 -5.69 4.93
N VAL A 26 7.93 -6.48 4.78
CA VAL A 26 8.62 -6.65 3.51
C VAL A 26 7.76 -7.29 2.42
N SER A 27 6.64 -7.92 2.76
CA SER A 27 5.83 -8.58 1.75
C SER A 27 4.82 -7.65 1.08
N THR A 28 4.85 -6.34 1.36
CA THR A 28 3.86 -5.45 0.77
C THR A 28 4.53 -4.25 0.12
N PRO A 29 3.86 -3.64 -0.87
CA PRO A 29 4.37 -2.36 -1.40
C PRO A 29 4.36 -1.24 -0.37
N LEU A 30 3.72 -1.43 0.79
CA LEU A 30 3.83 -0.44 1.84
C LEU A 30 5.08 -0.65 2.67
N GLY A 31 5.49 -1.89 2.88
CA GLY A 31 6.63 -2.17 3.73
C GLY A 31 7.97 -2.24 3.00
N LEU A 32 8.00 -2.82 1.80
CA LEU A 32 9.26 -2.99 1.09
C LEU A 32 9.97 -1.67 0.80
N PRO A 33 9.34 -0.66 0.17
CA PRO A 33 10.09 0.58 -0.08
C PRO A 33 10.66 1.22 1.16
N ARG A 34 9.93 1.18 2.28
CA ARG A 34 10.38 1.86 3.48
C ARG A 34 11.46 1.10 4.22
N CYS A 35 11.60 -0.20 3.98
CA CYS A 35 12.69 -0.96 4.56
C CYS A 35 13.89 -1.12 3.61
N LEU A 36 13.75 -0.75 2.34
CA LEU A 36 14.91 -0.61 1.46
C LEU A 36 15.47 0.79 1.65
N GLN A 37 16.64 0.87 2.27
CA GLN A 37 17.27 2.12 2.66
C GLN A 37 18.42 2.48 1.72
N ALA A 38 18.36 3.70 1.20
CA ALA A 38 19.42 4.19 0.33
C ALA A 38 20.80 4.05 0.96
N SER A 39 20.89 4.25 2.27
CA SER A 39 22.18 4.13 2.95
C SER A 39 22.76 2.73 2.80
N ASN A 40 21.93 1.69 2.89
CA ASN A 40 22.38 0.33 2.62
C ASN A 40 22.81 0.14 1.15
N VAL A 41 22.06 0.75 0.22
CA VAL A 41 22.42 0.64 -1.19
C VAL A 41 23.78 1.28 -1.43
N VAL A 42 24.02 2.44 -0.82
CA VAL A 42 25.29 3.15 -0.91
C VAL A 42 26.41 2.31 -0.30
N LYS A 43 26.12 1.60 0.79
CA LYS A 43 27.12 0.67 1.32
C LYS A 43 27.53 -0.36 0.26
N ARG A 44 26.54 -0.95 -0.41
CA ARG A 44 26.87 -1.93 -1.44
C ARG A 44 27.59 -1.27 -2.61
N LEU A 45 27.22 -0.02 -2.93
CA LEU A 45 27.92 0.72 -3.98
C LEU A 45 29.37 0.94 -3.61
N GLN A 46 29.64 1.24 -2.34
CA GLN A 46 31.02 1.40 -1.91
C GLN A 46 31.78 0.09 -2.07
N LYS A 47 31.13 -1.03 -1.72
CA LYS A 47 31.74 -2.34 -1.98
C LYS A 47 32.07 -2.53 -3.47
N LEU A 48 31.16 -2.13 -4.37
CA LEU A 48 31.44 -2.29 -5.80
C LEU A 48 32.61 -1.43 -6.24
N GLU A 49 32.68 -0.19 -5.74
CA GLU A 49 33.81 0.66 -6.09
C GLU A 49 35.11 0.09 -5.52
N ASP A 50 35.07 -0.42 -4.29
CA ASP A 50 36.23 -1.09 -3.73
C ASP A 50 36.64 -2.27 -4.59
N ILE A 51 35.67 -3.07 -5.04
CA ILE A 51 35.98 -4.18 -5.93
C ILE A 51 36.71 -3.68 -7.15
N ALA A 52 36.24 -2.56 -7.74
CA ALA A 52 36.89 -2.00 -8.92
C ALA A 52 38.29 -1.45 -8.61
N SER A 53 38.51 -0.88 -7.41
CA SER A 53 39.79 -0.27 -7.12
C SER A 53 40.88 -1.33 -6.93
N LEU A 54 40.52 -2.51 -6.48
CA LEU A 54 41.47 -3.59 -6.33
C LEU A 54 41.60 -4.43 -7.59
N ASN A 55 40.84 -4.10 -8.64
CA ASN A 55 40.83 -4.82 -9.92
C ASN A 55 40.97 -3.83 -11.08
N ASP A 56 42.01 -3.00 -11.04
CA ASP A 56 42.49 -2.16 -12.13
C ASP A 56 41.55 -1.04 -12.54
N GLY A 57 40.49 -0.78 -11.77
CA GLY A 57 39.64 0.36 -12.01
C GLY A 57 38.35 0.12 -12.74
N ASN A 58 38.00 -1.14 -13.04
CA ASN A 58 36.80 -1.41 -13.82
C ASN A 58 36.20 -2.72 -13.37
N ARG A 59 34.96 -2.95 -13.79
CA ARG A 59 34.26 -4.21 -13.51
C ARG A 59 33.72 -4.76 -14.83
N ALA A 60 34.55 -4.71 -15.87
CA ALA A 60 34.09 -5.05 -17.21
C ALA A 60 34.10 -6.56 -17.45
N ALA A 61 33.30 -6.97 -18.44
CA ALA A 61 33.28 -8.37 -18.87
C ALA A 61 34.70 -8.90 -19.09
N ALA A 62 34.92 -10.15 -18.65
CA ALA A 62 36.21 -10.86 -18.79
C ALA A 62 37.35 -10.13 -18.08
N THR A 63 37.06 -9.43 -17.01
CA THR A 63 38.08 -8.88 -16.13
C THR A 63 37.90 -9.45 -14.72
N PRO A 64 38.96 -9.41 -13.89
CA PRO A 64 38.80 -9.79 -12.47
C PRO A 64 37.79 -8.94 -11.70
N GLY A 65 37.64 -7.66 -12.03
CA GLY A 65 36.63 -6.84 -11.37
C GLY A 65 35.24 -7.38 -11.54
N TYR A 66 34.91 -7.86 -12.75
CA TYR A 66 33.61 -8.48 -12.92
C TYR A 66 33.49 -9.78 -12.13
N GLN A 67 34.54 -10.60 -12.08
CA GLN A 67 34.47 -11.87 -11.34
C GLN A 67 34.23 -11.63 -9.85
N ALA A 68 34.93 -10.64 -9.28
CA ALA A 68 34.71 -10.29 -7.88
C ALA A 68 33.30 -9.76 -7.66
N SER A 69 32.79 -8.97 -8.61
CA SER A 69 31.42 -8.48 -8.49
C SER A 69 30.42 -9.63 -8.46
N VAL A 70 30.64 -10.62 -9.34
CA VAL A 70 29.74 -11.77 -9.38
C VAL A 70 29.80 -12.53 -8.06
N ASP A 71 31.01 -12.71 -7.51
CA ASP A 71 31.15 -13.44 -6.26
C ASP A 71 30.49 -12.68 -5.11
N TYR A 72 30.66 -11.36 -5.07
CA TYR A 72 30.04 -10.58 -4.00
C TYR A 72 28.53 -10.73 -4.03
N VAL A 73 27.95 -10.67 -5.24
CA VAL A 73 26.51 -10.84 -5.38
C VAL A 73 26.08 -12.26 -5.00
N LYS A 74 26.78 -13.28 -5.51
CA LYS A 74 26.44 -14.68 -5.23
C LYS A 74 26.49 -14.98 -3.74
N GLN A 75 27.57 -14.54 -3.07
CA GLN A 75 27.75 -14.86 -1.68
C GLN A 75 26.78 -14.09 -0.80
N THR A 76 26.47 -12.84 -1.19
CA THR A 76 25.41 -12.13 -0.47
C THR A 76 24.08 -12.87 -0.61
N LEU A 77 23.77 -13.32 -1.83
CA LEU A 77 22.50 -14.01 -2.05
C LEU A 77 22.40 -15.32 -1.26
N GLN A 78 23.50 -16.08 -1.20
CA GLN A 78 23.50 -17.32 -0.44
C GLN A 78 23.43 -17.05 1.06
N LYS A 79 24.12 -16.01 1.52
CA LYS A 79 24.04 -15.65 2.94
C LYS A 79 22.59 -15.35 3.35
N ALA A 80 21.77 -14.87 2.43
CA ALA A 80 20.34 -14.67 2.68
C ALA A 80 19.50 -15.92 2.43
N GLY A 81 20.11 -17.04 2.07
CA GLY A 81 19.37 -18.27 1.90
C GLY A 81 19.04 -18.66 0.47
N TYR A 82 19.51 -17.89 -0.53
CA TYR A 82 19.17 -18.17 -1.92
C TYR A 82 20.02 -19.28 -2.49
N LYS A 83 19.42 -20.09 -3.37
CA LYS A 83 20.17 -20.86 -4.33
C LYS A 83 20.52 -19.96 -5.51
N VAL A 84 21.81 -19.90 -5.85
CA VAL A 84 22.33 -19.01 -6.88
C VAL A 84 22.76 -19.84 -8.08
N SER A 85 22.34 -19.44 -9.27
CA SER A 85 22.78 -20.05 -10.53
C SER A 85 23.71 -19.08 -11.24
N VAL A 86 24.94 -19.50 -11.47
CA VAL A 86 25.90 -18.71 -12.22
C VAL A 86 25.92 -19.29 -13.64
N GLN A 87 25.25 -18.59 -14.55
CA GLN A 87 25.09 -19.07 -15.91
C GLN A 87 26.25 -18.55 -16.75
N PRO A 88 27.16 -19.41 -17.21
CA PRO A 88 28.21 -18.96 -18.13
C PRO A 88 27.72 -18.92 -19.58
N PHE A 89 28.30 -17.99 -20.33
CA PHE A 89 28.11 -17.92 -21.77
C PHE A 89 29.42 -17.48 -22.44
N PRO A 90 29.61 -17.85 -23.71
CA PRO A 90 30.87 -17.53 -24.39
C PRO A 90 31.00 -16.03 -24.63
N PHE A 91 32.25 -15.57 -24.58
CA PHE A 91 32.52 -14.14 -24.69
C PHE A 91 33.91 -13.96 -25.28
N THR A 92 34.02 -13.20 -26.36
CA THR A 92 35.31 -12.91 -26.97
C THR A 92 35.73 -11.49 -26.60
N ALA A 93 36.78 -11.39 -25.80
CA ALA A 93 37.31 -10.09 -25.44
C ALA A 93 38.21 -9.61 -26.56
N TYR A 94 37.96 -8.39 -27.04
CA TYR A 94 38.81 -7.84 -28.09
C TYR A 94 38.98 -6.35 -27.87
N TYR A 95 40.22 -5.86 -27.95
CA TYR A 95 40.37 -4.42 -28.09
C TYR A 95 41.74 -4.12 -28.69
N PRO A 96 41.85 -3.05 -29.48
CA PRO A 96 43.15 -2.65 -30.02
C PRO A 96 43.99 -1.95 -28.97
N LYS A 97 45.30 -2.22 -29.00
CA LYS A 97 46.22 -1.63 -28.04
C LYS A 97 47.03 -0.48 -28.59
N GLY A 98 47.36 -0.52 -29.88
CA GLY A 98 48.05 0.57 -30.53
C GLY A 98 47.89 0.47 -32.03
N PRO A 99 48.39 1.45 -32.76
CA PRO A 99 48.23 1.43 -34.21
C PRO A 99 48.99 0.29 -34.84
N GLY A 100 48.52 -0.12 -36.01
CA GLY A 100 49.20 -1.11 -36.80
C GLY A 100 50.36 -0.53 -37.59
N SER A 101 51.10 -1.43 -38.21
CA SER A 101 52.19 -1.06 -39.10
C SER A 101 52.12 -1.94 -40.34
N LEU A 102 52.46 -1.35 -41.47
CA LEU A 102 52.47 -2.08 -42.73
C LEU A 102 53.58 -1.47 -43.56
N SER A 103 54.47 -2.31 -44.04
CA SER A 103 55.67 -1.91 -44.76
C SER A 103 55.94 -2.92 -45.85
N ALA A 104 56.28 -2.42 -47.04
CA ALA A 104 56.87 -3.27 -48.07
C ALA A 104 58.37 -3.31 -47.82
N THR A 105 58.92 -4.51 -47.76
CA THR A 105 60.36 -4.69 -47.63
C THR A 105 61.02 -4.98 -48.98
N VAL A 106 60.41 -5.85 -49.77
CA VAL A 106 60.85 -6.25 -51.11
C VAL A 106 59.65 -6.05 -52.03
N PRO A 107 59.83 -5.60 -53.28
CA PRO A 107 60.96 -5.18 -54.10
C PRO A 107 61.62 -3.88 -53.65
N GLN A 108 60.82 -2.97 -53.08
CA GLN A 108 61.37 -1.71 -52.62
C GLN A 108 60.70 -1.26 -51.32
N PRO A 109 61.41 -0.51 -50.49
CA PRO A 109 60.85 -0.13 -49.19
C PRO A 109 59.75 0.89 -49.38
N VAL A 110 58.61 0.66 -48.72
CA VAL A 110 57.49 1.59 -48.68
C VAL A 110 56.80 1.38 -47.34
N THR A 111 56.61 2.45 -46.59
CA THR A 111 55.86 2.38 -45.34
C THR A 111 54.48 2.98 -45.59
N TYR A 112 53.44 2.17 -45.39
CA TYR A 112 52.08 2.58 -45.66
C TYR A 112 51.53 3.26 -44.41
N GLU A 113 50.39 3.91 -44.55
CA GLU A 113 49.97 4.87 -43.53
C GLU A 113 48.74 4.37 -42.80
N TRP A 114 48.85 4.35 -41.46
CA TRP A 114 47.78 3.84 -40.61
C TRP A 114 46.54 4.70 -40.78
N GLU A 115 45.40 4.03 -41.00
CA GLU A 115 44.09 4.64 -41.18
C GLU A 115 44.00 5.47 -42.45
N LYS A 116 44.91 5.25 -43.39
CA LYS A 116 44.79 5.86 -44.70
C LYS A 116 44.99 4.80 -45.77
N ASP A 117 46.07 4.02 -45.68
CA ASP A 117 46.26 2.87 -46.57
C ASP A 117 45.61 1.60 -46.04
N PHE A 118 45.51 1.43 -44.71
CA PHE A 118 45.04 0.18 -44.10
C PHE A 118 44.53 0.47 -42.69
N THR A 119 43.75 -0.48 -42.18
CA THR A 119 43.27 -0.45 -40.80
C THR A 119 43.04 -1.89 -40.35
N TYR A 120 42.69 -2.08 -39.08
CA TYR A 120 42.44 -3.41 -38.55
C TYR A 120 41.05 -3.89 -38.98
N LEU A 121 40.89 -5.21 -39.02
CA LEU A 121 39.58 -5.81 -38.83
C LEU A 121 39.36 -5.92 -37.34
N SER A 122 38.24 -5.39 -36.86
CA SER A 122 37.88 -5.68 -35.49
C SER A 122 37.79 -7.20 -35.32
N GLN A 123 38.18 -7.68 -34.12
CA GLN A 123 38.29 -9.10 -33.79
C GLN A 123 39.45 -9.82 -34.49
N THR A 124 40.41 -9.10 -35.05
CA THR A 124 41.62 -9.74 -35.51
C THR A 124 42.41 -10.28 -34.32
N GLU A 125 43.19 -11.33 -34.55
CA GLU A 125 44.25 -11.62 -33.61
C GLU A 125 45.42 -10.66 -33.83
N ALA A 126 46.25 -10.53 -32.80
CA ALA A 126 47.48 -9.79 -32.90
C ALA A 126 48.49 -10.55 -33.76
N GLY A 127 49.50 -9.85 -34.24
CA GLY A 127 50.54 -10.54 -34.99
C GLY A 127 51.65 -9.62 -35.43
N ASP A 128 52.77 -10.25 -35.81
CA ASP A 128 53.90 -9.57 -36.45
C ASP A 128 54.47 -10.54 -37.49
N VAL A 129 54.18 -10.26 -38.75
CA VAL A 129 54.39 -11.23 -39.81
C VAL A 129 55.11 -10.52 -40.96
N THR A 130 56.15 -11.16 -41.48
CA THR A 130 56.79 -10.67 -42.68
C THR A 130 56.82 -11.82 -43.67
N ALA A 131 56.23 -11.61 -44.84
CA ALA A 131 56.03 -12.73 -45.76
C ALA A 131 55.76 -12.25 -47.17
N LYS A 132 56.00 -13.16 -48.11
CA LYS A 132 55.58 -12.98 -49.50
C LYS A 132 54.07 -12.89 -49.57
N VAL A 133 53.57 -12.08 -50.49
CA VAL A 133 52.14 -11.82 -50.62
C VAL A 133 51.59 -12.66 -51.76
N VAL A 134 50.46 -13.31 -51.54
CA VAL A 134 49.88 -14.17 -52.57
C VAL A 134 48.44 -13.76 -52.82
N PRO A 135 48.11 -13.18 -53.97
CA PRO A 135 46.71 -12.83 -54.25
C PRO A 135 45.88 -14.07 -54.45
N VAL A 136 44.62 -13.99 -54.02
CA VAL A 136 43.73 -15.14 -54.00
C VAL A 136 42.48 -14.75 -54.79
N ASP A 137 42.29 -15.39 -55.94
CA ASP A 137 41.02 -15.39 -56.66
C ASP A 137 40.45 -13.97 -56.81
N LEU A 138 41.25 -13.08 -57.36
CA LEU A 138 40.84 -11.71 -57.54
C LEU A 138 39.90 -11.58 -58.75
N SER A 139 38.93 -10.66 -58.64
CA SER A 139 38.06 -10.32 -59.77
C SER A 139 37.89 -8.79 -59.72
N LEU A 140 38.78 -8.10 -60.43
CA LEU A 140 38.92 -6.65 -60.31
C LEU A 140 37.96 -5.94 -61.26
N GLY A 141 37.85 -4.64 -61.05
CA GLY A 141 37.18 -3.79 -62.01
C GLY A 141 35.76 -3.41 -61.61
N ALA A 142 35.24 -2.41 -62.33
CA ALA A 142 33.91 -1.89 -62.08
C ALA A 142 32.87 -2.96 -62.34
N GLY A 143 31.88 -3.04 -61.44
CA GLY A 143 30.80 -4.00 -61.57
C GLY A 143 31.14 -5.41 -61.16
N ASN A 144 32.36 -5.69 -60.70
CA ASN A 144 32.74 -7.05 -60.38
C ASN A 144 31.85 -7.62 -59.28
N THR A 145 31.70 -8.95 -59.30
CA THR A 145 31.01 -9.66 -58.24
C THR A 145 31.96 -10.71 -57.68
N SER A 146 33.06 -10.25 -57.08
CA SER A 146 34.13 -11.16 -56.55
C SER A 146 33.67 -12.14 -55.47
N THR A 147 34.31 -13.31 -55.44
CA THR A 147 34.06 -14.35 -54.41
C THR A 147 35.44 -14.69 -53.84
N SER A 148 36.37 -13.73 -53.88
CA SER A 148 37.77 -13.95 -53.41
C SER A 148 37.79 -14.63 -52.04
N GLY A 149 38.42 -15.80 -51.96
CA GLY A 149 38.57 -16.49 -50.68
C GLY A 149 37.28 -17.09 -50.13
N CYS A 150 36.17 -17.00 -50.86
CA CYS A 150 34.97 -17.61 -50.29
C CYS A 150 34.99 -19.13 -50.33
N GLU A 151 35.64 -19.74 -51.32
CA GLU A 151 35.63 -21.20 -51.47
C GLU A 151 37.03 -21.77 -51.22
N ALA A 152 37.08 -23.08 -50.93
CA ALA A 152 38.31 -23.69 -50.43
C ALA A 152 39.41 -23.74 -51.49
N GLU A 153 39.10 -24.14 -52.74
CA GLU A 153 40.24 -24.18 -53.65
C GLU A 153 40.37 -22.85 -54.39
N ASP A 154 39.97 -21.74 -53.75
CA ASP A 154 40.58 -20.47 -54.11
C ASP A 154 42.01 -20.49 -53.63
N PHE A 155 42.30 -21.38 -52.69
CA PHE A 155 43.61 -21.53 -52.08
C PHE A 155 44.34 -22.78 -52.58
N ALA A 156 44.04 -23.24 -53.80
CA ALA A 156 44.76 -24.37 -54.34
C ALA A 156 46.22 -24.01 -54.51
N ASN A 157 47.11 -24.83 -53.96
CA ASN A 157 48.55 -24.58 -53.98
C ASN A 157 48.92 -23.22 -53.38
N PHE A 158 48.19 -22.79 -52.35
CA PHE A 158 48.61 -21.63 -51.54
C PHE A 158 49.86 -22.01 -50.75
N PRO A 159 51.01 -21.37 -50.96
CA PRO A 159 52.19 -21.74 -50.18
C PRO A 159 52.04 -21.28 -48.74
N ALA A 160 52.21 -22.23 -47.82
CA ALA A 160 52.08 -21.95 -46.39
C ALA A 160 53.12 -20.93 -45.95
N GLY A 161 52.72 -20.07 -45.02
CA GLY A 161 53.57 -19.02 -44.51
C GLY A 161 53.33 -17.67 -45.16
N SER A 162 52.64 -17.62 -46.29
CA SER A 162 52.47 -16.38 -47.03
C SER A 162 51.31 -15.56 -46.48
N ILE A 163 51.33 -14.25 -46.78
CA ILE A 163 50.19 -13.39 -46.48
C ILE A 163 49.18 -13.53 -47.61
N ALA A 164 47.94 -13.87 -47.27
CA ALA A 164 46.91 -13.98 -48.29
C ALA A 164 46.37 -12.59 -48.62
N LEU A 165 46.36 -12.25 -49.90
CA LEU A 165 45.80 -10.98 -50.39
C LEU A 165 44.44 -11.29 -50.99
N ILE A 166 43.38 -10.82 -50.32
CA ILE A 166 42.02 -11.21 -50.61
C ILE A 166 41.18 -9.97 -50.85
N GLN A 167 40.27 -10.06 -51.79
CA GLN A 167 39.36 -8.99 -52.15
C GLN A 167 38.03 -9.18 -51.43
N ARG A 168 37.45 -8.07 -50.98
CA ARG A 168 36.10 -8.10 -50.42
C ARG A 168 35.10 -8.53 -51.48
N GLY A 169 34.08 -9.28 -51.05
CA GLY A 169 33.04 -9.71 -51.96
C GLY A 169 32.33 -10.99 -51.54
N THR A 170 31.00 -10.98 -51.65
CA THR A 170 30.12 -12.13 -51.48
C THR A 170 30.01 -12.62 -50.03
N CYS A 171 31.05 -13.25 -49.49
CA CYS A 171 30.95 -13.90 -48.19
C CYS A 171 31.52 -13.00 -47.08
N ASN A 172 31.22 -13.40 -45.83
CA ASN A 172 31.74 -12.66 -44.68
C ASN A 172 33.26 -12.66 -44.69
N PHE A 173 33.85 -11.55 -44.18
CA PHE A 173 35.30 -11.50 -43.96
C PHE A 173 35.80 -12.66 -43.12
N GLU A 174 35.01 -13.07 -42.12
CA GLU A 174 35.36 -14.21 -41.29
C GLU A 174 35.66 -15.44 -42.14
N GLN A 175 34.80 -15.71 -43.12
CA GLN A 175 34.97 -16.90 -43.95
C GLN A 175 36.25 -16.82 -44.77
N LYS A 176 36.52 -15.66 -45.38
CA LYS A 176 37.76 -15.45 -46.14
C LYS A 176 38.99 -15.68 -45.27
N ALA A 177 39.00 -15.06 -44.07
CA ALA A 177 40.20 -15.15 -43.24
C ALA A 177 40.40 -16.55 -42.66
N GLU A 178 39.30 -17.26 -42.37
CA GLU A 178 39.44 -18.61 -41.83
C GLU A 178 39.83 -19.59 -42.92
N ASN A 179 39.38 -19.36 -44.16
CA ASN A 179 39.88 -20.14 -45.29
C ASN A 179 41.36 -19.90 -45.50
N ALA A 180 41.81 -18.64 -45.38
CA ALA A 180 43.23 -18.37 -45.53
C ALA A 180 44.05 -19.05 -44.43
N ALA A 181 43.58 -18.99 -43.18
CA ALA A 181 44.30 -19.66 -42.09
C ALA A 181 44.35 -21.17 -42.30
N ALA A 182 43.22 -21.79 -42.66
CA ALA A 182 43.24 -23.23 -42.92
C ALA A 182 44.17 -23.57 -44.07
N ALA A 183 44.31 -22.70 -45.05
CA ALA A 183 45.26 -22.84 -46.15
C ALA A 183 46.69 -22.52 -45.75
N GLY A 184 46.96 -22.16 -44.50
CA GLY A 184 48.31 -21.90 -44.06
C GLY A 184 48.81 -20.48 -44.22
N ALA A 185 47.93 -19.51 -44.39
CA ALA A 185 48.37 -18.12 -44.37
C ALA A 185 48.91 -17.76 -42.99
N ALA A 186 49.95 -16.92 -42.98
CA ALA A 186 50.42 -16.35 -41.73
C ALA A 186 49.71 -15.06 -41.37
N GLY A 187 48.98 -14.47 -42.32
CA GLY A 187 48.23 -13.25 -42.12
C GLY A 187 47.37 -13.01 -43.33
N VAL A 188 46.39 -12.13 -43.16
CA VAL A 188 45.41 -11.86 -44.21
C VAL A 188 45.29 -10.35 -44.40
N ILE A 189 45.37 -9.91 -45.66
CA ILE A 189 45.05 -8.53 -46.03
C ILE A 189 43.84 -8.57 -46.95
N ILE A 190 42.73 -7.97 -46.52
CA ILE A 190 41.53 -7.86 -47.33
C ILE A 190 41.40 -6.43 -47.82
N PHE A 191 41.27 -6.24 -49.13
CA PHE A 191 41.09 -4.89 -49.67
C PHE A 191 39.68 -4.72 -50.22
N ASN A 192 39.20 -3.47 -50.18
CA ASN A 192 37.81 -3.19 -50.54
C ASN A 192 37.52 -3.64 -51.98
N GLN A 193 36.23 -3.88 -52.25
CA GLN A 193 35.87 -4.62 -53.46
C GLN A 193 36.11 -3.82 -54.74
N GLY A 194 35.93 -2.49 -54.70
CA GLY A 194 36.12 -1.70 -55.90
C GLY A 194 35.13 -1.95 -57.02
N ASN A 195 33.97 -2.53 -56.73
CA ASN A 195 32.95 -2.72 -57.77
C ASN A 195 32.21 -1.42 -58.09
N THR A 196 32.10 -0.51 -57.12
CA THR A 196 31.66 0.87 -57.34
C THR A 196 32.74 1.81 -56.82
N ASP A 197 32.60 3.10 -57.12
CA ASP A 197 33.64 4.02 -56.69
C ASP A 197 33.53 4.38 -55.22
N ASP A 198 32.39 4.14 -54.56
CA ASP A 198 32.26 4.33 -53.11
C ASP A 198 32.76 3.14 -52.30
N ARG A 199 33.23 2.08 -52.95
CA ARG A 199 33.67 0.86 -52.27
C ARG A 199 35.16 0.64 -52.52
N LYS A 200 35.97 1.68 -52.35
CA LYS A 200 37.41 1.53 -52.56
C LYS A 200 38.25 1.98 -51.39
N GLY A 201 37.72 2.77 -50.44
CA GLY A 201 38.45 3.22 -49.29
C GLY A 201 38.38 2.24 -48.12
N LEU A 202 38.98 2.66 -47.01
CA LEU A 202 38.89 1.90 -45.77
C LEU A 202 37.48 1.99 -45.20
N GLU A 203 37.09 0.96 -44.46
CA GLU A 203 35.77 0.93 -43.83
C GLU A 203 35.94 0.30 -42.45
N ASN A 204 34.89 0.42 -41.63
CA ASN A 204 34.86 -0.19 -40.30
C ASN A 204 34.32 -1.61 -40.42
N VAL A 205 35.22 -2.58 -40.38
CA VAL A 205 34.93 -3.96 -40.76
C VAL A 205 35.37 -4.87 -39.63
N THR A 206 34.80 -6.09 -39.63
CA THR A 206 35.01 -7.07 -38.58
C THR A 206 35.02 -8.48 -39.16
N VAL A 207 35.85 -9.33 -38.53
CA VAL A 207 35.84 -10.77 -38.78
C VAL A 207 34.96 -11.49 -37.80
N GLY A 208 34.31 -10.76 -36.92
CA GLY A 208 33.32 -11.41 -36.09
C GLY A 208 33.89 -11.99 -34.81
N GLU A 209 33.00 -12.06 -33.83
CA GLU A 209 33.26 -12.59 -32.50
C GLU A 209 33.56 -14.07 -32.52
N SER A 210 33.02 -14.80 -33.51
CA SER A 210 33.22 -16.23 -33.76
C SER A 210 34.54 -16.53 -34.45
N TYR A 211 35.26 -15.53 -34.96
CA TYR A 211 36.44 -15.78 -35.77
C TYR A 211 37.44 -16.61 -35.00
N GLU A 212 37.96 -17.66 -35.63
CA GLU A 212 38.92 -18.55 -34.97
C GLU A 212 40.12 -18.91 -35.86
N GLY A 213 40.54 -18.00 -36.73
CA GLY A 213 41.65 -18.30 -37.62
C GLY A 213 43.02 -18.20 -36.97
N GLY A 214 43.14 -17.51 -35.85
CA GLY A 214 44.40 -17.37 -35.14
C GLY A 214 45.42 -16.44 -35.75
N ILE A 215 45.16 -15.88 -36.93
CA ILE A 215 46.16 -15.05 -37.60
C ILE A 215 45.60 -13.65 -37.73
N PRO A 216 46.46 -12.64 -37.90
CA PRO A 216 45.99 -11.26 -38.01
C PRO A 216 45.39 -10.95 -39.37
N VAL A 217 44.40 -10.06 -39.36
CA VAL A 217 43.65 -9.63 -40.55
C VAL A 217 43.58 -8.11 -40.58
N ILE A 218 43.96 -7.50 -41.70
CA ILE A 218 43.80 -6.06 -41.89
C ILE A 218 43.00 -5.80 -43.15
N PHE A 219 42.50 -4.58 -43.25
CA PHE A 219 41.74 -4.08 -44.38
C PHE A 219 42.53 -3.00 -45.09
N ALA A 220 42.54 -3.03 -46.43
CA ALA A 220 43.28 -2.05 -47.23
C ALA A 220 42.38 -1.45 -48.31
N THR A 221 42.77 -0.27 -48.79
CA THR A 221 42.10 0.35 -49.93
C THR A 221 42.18 -0.52 -51.18
N TYR A 222 41.19 -0.34 -52.06
CA TYR A 222 41.18 -1.05 -53.33
C TYR A 222 42.46 -0.81 -54.16
N ASP A 223 42.93 0.44 -54.21
CA ASP A 223 44.07 0.76 -55.05
C ASP A 223 45.37 0.15 -54.50
N ASN A 224 45.52 0.11 -53.17
CA ASN A 224 46.65 -0.61 -52.60
C ASN A 224 46.57 -2.11 -52.90
N GLY A 225 45.38 -2.69 -52.77
CA GLY A 225 45.21 -4.10 -53.08
C GLY A 225 45.59 -4.44 -54.51
N VAL A 226 45.21 -3.58 -55.46
CA VAL A 226 45.51 -3.83 -56.87
C VAL A 226 47.01 -3.70 -57.12
N ALA A 227 47.62 -2.63 -56.58
CA ALA A 227 49.06 -2.44 -56.73
C ALA A 227 49.82 -3.63 -56.17
N TRP A 228 49.43 -4.11 -55.00
CA TRP A 228 50.13 -5.23 -54.41
C TRP A 228 49.95 -6.48 -55.26
N SER A 229 48.74 -6.72 -55.76
CA SER A 229 48.49 -7.89 -56.59
C SER A 229 49.30 -7.88 -57.88
N GLN A 230 49.84 -6.74 -58.27
CA GLN A 230 50.65 -6.74 -59.48
C GLN A 230 52.12 -6.41 -59.24
N THR A 231 52.63 -6.75 -58.05
CA THR A 231 54.04 -6.54 -57.73
C THR A 231 54.74 -7.89 -57.55
N PRO A 232 55.54 -8.33 -58.53
CA PRO A 232 56.27 -9.60 -58.33
C PRO A 232 57.19 -9.52 -57.13
N ASP A 233 57.31 -10.65 -56.42
CA ASP A 233 58.29 -10.84 -55.36
C ASP A 233 57.98 -10.05 -54.09
N LEU A 234 56.81 -9.44 -53.99
CA LEU A 234 56.61 -8.44 -52.95
C LEU A 234 56.48 -9.13 -51.60
N GLN A 235 57.01 -8.50 -50.58
CA GLN A 235 57.00 -9.00 -49.23
C GLN A 235 56.48 -7.87 -48.36
N LEU A 236 55.50 -8.16 -47.52
CA LEU A 236 54.95 -7.18 -46.62
C LEU A 236 55.28 -7.54 -45.18
N HIS A 237 55.54 -6.50 -44.40
CA HIS A 237 55.77 -6.58 -42.98
C HIS A 237 54.56 -5.95 -42.30
N LEU A 238 53.75 -6.80 -41.67
CA LEU A 238 52.46 -6.47 -41.13
C LEU A 238 52.52 -6.62 -39.61
N VAL A 239 52.08 -5.60 -38.89
CA VAL A 239 52.06 -5.64 -37.43
C VAL A 239 50.68 -5.22 -36.97
N VAL A 240 50.10 -6.01 -36.06
CA VAL A 240 48.75 -5.80 -35.56
C VAL A 240 48.80 -5.92 -34.05
N ASP A 241 48.51 -4.82 -33.37
CA ASP A 241 48.75 -4.65 -31.94
C ASP A 241 47.41 -4.58 -31.21
N VAL A 242 46.89 -5.75 -30.81
CA VAL A 242 45.59 -5.87 -30.15
C VAL A 242 45.70 -6.93 -29.06
N VAL A 243 44.69 -6.97 -28.18
CA VAL A 243 44.52 -8.13 -27.33
C VAL A 243 43.19 -8.78 -27.69
N ARG A 244 43.21 -10.11 -27.78
CA ARG A 244 42.03 -10.90 -28.04
C ARG A 244 42.11 -12.21 -27.27
N LYS A 245 41.05 -12.50 -26.53
CA LYS A 245 40.94 -13.75 -25.79
C LYS A 245 39.52 -14.29 -25.95
N LYS A 246 39.40 -15.52 -26.41
CA LYS A 246 38.13 -16.22 -26.37
C LYS A 246 38.00 -16.84 -24.98
N THR A 247 36.91 -16.50 -24.29
CA THR A 247 36.70 -16.85 -22.89
C THR A 247 35.21 -16.90 -22.58
N GLU A 248 34.82 -16.62 -21.35
CA GLU A 248 33.41 -16.65 -21.00
C GLU A 248 33.12 -15.65 -19.90
N THR A 249 31.85 -15.28 -19.79
CA THR A 249 31.42 -14.46 -18.66
C THR A 249 30.03 -14.95 -18.22
N TYR A 250 29.40 -14.23 -17.29
CA TYR A 250 28.39 -14.84 -16.43
C TYR A 250 27.17 -13.95 -16.17
N ASN A 251 26.02 -14.60 -16.17
CA ASN A 251 24.81 -14.08 -15.57
C ASN A 251 24.68 -14.68 -14.17
N VAL A 252 24.09 -13.92 -13.24
CA VAL A 252 23.82 -14.40 -11.89
C VAL A 252 22.31 -14.36 -11.67
N VAL A 253 21.73 -15.52 -11.36
CA VAL A 253 20.27 -15.62 -11.27
C VAL A 253 19.89 -16.28 -9.96
N ALA A 254 18.84 -15.75 -9.33
CA ALA A 254 18.31 -16.35 -8.12
C ALA A 254 16.81 -16.09 -8.08
N GLU A 255 16.09 -16.85 -7.27
CA GLU A 255 14.67 -16.61 -7.19
C GLU A 255 14.18 -17.09 -5.84
N THR A 256 13.08 -16.48 -5.39
CA THR A 256 12.48 -16.85 -4.12
C THR A 256 12.08 -18.32 -4.09
N ARG A 257 12.31 -18.95 -2.94
CA ARG A 257 11.76 -20.27 -2.71
C ARG A 257 10.23 -20.24 -2.67
N ARG A 258 9.66 -19.15 -2.18
CA ARG A 258 8.23 -18.98 -2.13
C ARG A 258 7.68 -18.40 -3.43
N GLY A 259 6.37 -18.55 -3.61
CA GLY A 259 5.67 -17.96 -4.73
C GLY A 259 5.38 -18.96 -5.84
N ASN A 260 4.35 -18.68 -6.61
CA ASN A 260 3.95 -19.46 -7.77
C ASN A 260 5.05 -19.53 -8.83
N PRO A 261 5.60 -20.70 -9.14
CA PRO A 261 6.66 -20.80 -10.15
C PRO A 261 6.17 -20.64 -11.58
N ASN A 262 4.87 -20.61 -11.82
CA ASN A 262 4.32 -20.41 -13.15
C ASN A 262 3.87 -18.98 -13.39
N ASN A 263 4.11 -18.08 -12.43
CA ASN A 263 3.76 -16.66 -12.55
C ASN A 263 4.92 -15.85 -11.96
N VAL A 264 6.06 -15.88 -12.65
CA VAL A 264 7.31 -15.33 -12.12
C VAL A 264 7.39 -13.84 -12.44
N VAL A 265 7.72 -13.04 -11.42
CA VAL A 265 8.07 -11.63 -11.56
C VAL A 265 9.60 -11.53 -11.57
N MET A 266 10.17 -11.13 -12.70
CA MET A 266 11.62 -11.09 -12.85
C MET A 266 12.13 -9.65 -12.86
N VAL A 267 13.22 -9.40 -12.13
CA VAL A 267 13.90 -8.11 -12.16
C VAL A 267 15.35 -8.36 -12.52
N GLY A 268 15.93 -7.39 -13.24
CA GLY A 268 17.29 -7.55 -13.76
C GLY A 268 18.05 -6.23 -13.76
N ALA A 269 19.35 -6.35 -13.53
CA ALA A 269 20.25 -5.21 -13.56
C ALA A 269 21.61 -5.71 -14.04
N HIS A 270 22.18 -5.08 -15.08
CA HIS A 270 23.48 -5.54 -15.52
C HIS A 270 24.56 -5.15 -14.52
N LEU A 271 25.49 -6.08 -14.33
CA LEU A 271 26.51 -6.01 -13.30
C LEU A 271 27.86 -5.58 -13.83
N ASP A 272 28.05 -5.57 -15.14
CA ASP A 272 29.31 -5.16 -15.74
C ASP A 272 29.36 -3.65 -15.94
N SER A 273 30.57 -3.13 -15.93
CA SER A 273 30.88 -1.76 -16.29
C SER A 273 31.55 -1.77 -17.66
N VAL A 274 31.71 -0.58 -18.25
CA VAL A 274 32.59 -0.44 -19.42
C VAL A 274 34.03 -0.63 -18.95
N PHE A 275 34.94 -0.79 -19.91
CA PHE A 275 36.36 -0.99 -19.61
C PHE A 275 37.01 0.25 -19.01
N GLU A 276 36.45 1.43 -19.26
CA GLU A 276 37.10 2.69 -18.91
C GLU A 276 36.83 3.13 -17.48
N GLY A 277 35.99 2.42 -16.71
CA GLY A 277 35.73 2.85 -15.34
C GLY A 277 34.94 1.90 -14.45
N PRO A 278 34.75 2.33 -13.21
CA PRO A 278 34.12 1.43 -12.21
C PRO A 278 32.64 1.19 -12.44
N GLY A 279 31.97 2.04 -13.23
CA GLY A 279 30.56 1.87 -13.50
C GLY A 279 29.68 1.82 -12.26
N ILE A 280 29.82 2.81 -11.37
CA ILE A 280 29.05 2.78 -10.15
C ILE A 280 27.61 3.26 -10.39
N ASN A 281 27.40 4.35 -11.14
CA ASN A 281 26.02 4.64 -11.57
C ASN A 281 25.58 3.64 -12.64
N ASP A 282 26.45 3.40 -13.61
CA ASP A 282 26.17 2.50 -14.73
C ASP A 282 27.06 1.25 -14.65
N ASN A 283 26.55 0.17 -14.04
CA ASN A 283 25.22 0.12 -13.45
C ASN A 283 25.29 -0.50 -12.06
N GLY A 284 26.25 -0.07 -11.28
CA GLY A 284 26.22 -0.43 -9.87
C GLY A 284 24.92 -0.06 -9.21
N SER A 285 24.31 1.05 -9.63
CA SER A 285 23.13 1.56 -8.94
C SER A 285 21.97 0.57 -9.05
N GLY A 286 21.66 0.12 -10.26
CA GLY A 286 20.63 -0.90 -10.42
C GLY A 286 20.99 -2.20 -9.71
N SER A 287 22.24 -2.64 -9.90
CA SER A 287 22.68 -3.91 -9.30
C SER A 287 22.57 -3.89 -7.78
N ALA A 288 22.99 -2.80 -7.15
CA ALA A 288 23.03 -2.71 -5.69
C ALA A 288 21.63 -2.58 -5.10
N ALA A 289 20.78 -1.75 -5.69
CA ALA A 289 19.42 -1.63 -5.21
C ALA A 289 18.70 -2.97 -5.34
N GLN A 290 18.87 -3.65 -6.47
CA GLN A 290 18.25 -4.94 -6.66
C GLN A 290 18.78 -5.98 -5.67
N LEU A 291 20.08 -5.95 -5.35
CA LEU A 291 20.61 -6.89 -4.37
C LEU A 291 20.00 -6.64 -2.99
N GLU A 292 19.97 -5.38 -2.56
CA GLU A 292 19.39 -5.05 -1.28
C GLU A 292 17.95 -5.54 -1.23
N MET A 293 17.19 -5.30 -2.29
CA MET A 293 15.81 -5.76 -2.34
C MET A 293 15.71 -7.28 -2.22
N ALA A 294 16.58 -8.01 -2.93
CA ALA A 294 16.55 -9.48 -2.85
C ALA A 294 16.84 -9.96 -1.43
N VAL A 295 17.76 -9.28 -0.75
CA VAL A 295 18.05 -9.63 0.63
C VAL A 295 16.81 -9.41 1.51
N LEU A 296 16.15 -8.25 1.36
CA LEU A 296 14.95 -8.00 2.16
C LEU A 296 13.87 -9.03 1.84
N LEU A 297 13.69 -9.33 0.55
CA LEU A 297 12.68 -10.26 0.11
C LEU A 297 12.96 -11.68 0.52
N ALA A 298 14.18 -11.98 0.98
CA ALA A 298 14.45 -13.34 1.47
C ALA A 298 13.40 -13.85 2.47
N LYS A 299 12.93 -13.01 3.40
CA LYS A 299 11.89 -13.48 4.33
C LYS A 299 10.47 -13.15 3.87
N ALA A 300 10.30 -12.57 2.69
CA ALA A 300 8.93 -12.17 2.33
C ALA A 300 8.08 -13.42 2.12
N LEU A 301 6.77 -13.22 1.98
CA LEU A 301 5.86 -14.29 1.61
C LEU A 301 5.11 -13.90 0.34
N PRO A 302 5.74 -13.99 -0.82
CA PRO A 302 5.06 -13.57 -2.06
C PRO A 302 4.02 -14.57 -2.53
N VAL A 303 2.95 -14.03 -3.13
CA VAL A 303 2.05 -14.86 -3.91
C VAL A 303 2.76 -15.32 -5.19
N ASN A 304 3.47 -14.43 -5.84
CA ASN A 304 4.11 -14.71 -7.11
C ASN A 304 5.61 -14.85 -6.88
N LYS A 305 6.22 -15.82 -7.56
CA LYS A 305 7.66 -16.00 -7.42
C LYS A 305 8.39 -14.79 -7.98
N VAL A 306 9.45 -14.35 -7.28
CA VAL A 306 10.28 -13.25 -7.72
C VAL A 306 11.64 -13.79 -8.13
N ARG A 307 12.08 -13.46 -9.34
CA ARG A 307 13.40 -13.85 -9.83
C ARG A 307 14.26 -12.59 -10.06
N PHE A 308 15.53 -12.69 -9.68
CA PHE A 308 16.52 -11.62 -9.76
C PHE A 308 17.64 -12.03 -10.70
N ALA A 309 18.03 -11.15 -11.63
CA ALA A 309 19.16 -11.45 -12.52
C ALA A 309 20.12 -10.28 -12.60
N TRP A 310 21.40 -10.58 -12.44
CA TRP A 310 22.52 -9.67 -12.65
C TRP A 310 23.21 -10.06 -13.96
N TRP A 311 23.04 -9.23 -15.00
CA TRP A 311 23.41 -9.60 -16.35
C TRP A 311 24.87 -9.31 -16.61
N GLY A 312 25.56 -10.25 -17.25
CA GLY A 312 26.89 -10.00 -17.74
C GLY A 312 26.91 -9.36 -19.12
N ALA A 313 28.05 -8.69 -19.41
CA ALA A 313 28.41 -8.24 -20.75
C ALA A 313 27.32 -7.41 -21.42
N GLU A 314 26.65 -6.56 -20.64
CA GLU A 314 25.66 -5.69 -21.25
C GLU A 314 26.33 -4.61 -22.09
N GLU A 315 27.46 -4.11 -21.63
CA GLU A 315 28.17 -3.05 -22.31
C GLU A 315 28.81 -3.53 -23.62
N ALA A 316 28.90 -4.84 -23.83
CA ALA A 316 29.34 -5.40 -25.11
C ALA A 316 28.17 -5.72 -26.03
N GLY A 317 26.96 -5.31 -25.65
CA GLY A 317 25.81 -5.50 -26.52
C GLY A 317 24.77 -6.46 -25.97
N LEU A 318 24.38 -6.27 -24.70
CA LEU A 318 23.26 -7.01 -24.11
C LEU A 318 23.45 -8.52 -24.22
N VAL A 319 24.69 -8.97 -24.05
CA VAL A 319 25.00 -10.35 -24.43
C VAL A 319 24.41 -11.34 -23.43
N GLY A 320 24.57 -11.05 -22.14
CA GLY A 320 24.10 -12.00 -21.13
C GLY A 320 22.58 -12.12 -21.10
N SER A 321 21.87 -10.99 -21.11
CA SER A 321 20.41 -11.07 -21.06
C SER A 321 19.84 -11.72 -22.33
N THR A 322 20.43 -11.41 -23.49
CA THR A 322 19.97 -12.05 -24.72
C THR A 322 20.24 -13.54 -24.70
N HIS A 323 21.41 -13.95 -24.22
CA HIS A 323 21.69 -15.37 -24.07
C HIS A 323 20.66 -16.05 -23.18
N TYR A 324 20.44 -15.50 -21.98
CA TYR A 324 19.50 -16.08 -21.04
C TYR A 324 18.12 -16.25 -21.67
N VAL A 325 17.58 -15.18 -22.28
CA VAL A 325 16.23 -15.26 -22.84
C VAL A 325 16.18 -16.26 -24.00
N GLN A 326 17.13 -16.16 -24.93
CA GLN A 326 17.11 -17.01 -26.11
C GLN A 326 17.33 -18.49 -25.80
N ASN A 327 17.85 -18.81 -24.61
CA ASN A 327 18.06 -20.21 -24.23
C ASN A 327 17.01 -20.74 -23.25
N LEU A 328 15.90 -20.04 -23.06
CA LEU A 328 14.84 -20.57 -22.23
C LEU A 328 13.96 -21.53 -23.03
N ALA A 329 13.56 -22.62 -22.39
CA ALA A 329 12.55 -23.49 -22.97
C ALA A 329 11.23 -22.73 -23.10
N PRO A 330 10.47 -22.96 -24.17
CA PRO A 330 9.19 -22.25 -24.33
C PRO A 330 8.28 -22.31 -23.11
N GLU A 331 8.19 -23.48 -22.48
CA GLU A 331 7.47 -23.59 -21.22
C GLU A 331 8.05 -22.66 -20.15
N GLU A 332 9.37 -22.52 -20.11
CA GLU A 332 9.97 -21.65 -19.11
C GLU A 332 9.71 -20.18 -19.40
N LYS A 333 9.82 -19.76 -20.68
CA LYS A 333 9.55 -18.37 -21.03
C LYS A 333 8.11 -17.97 -20.80
N LYS A 334 7.16 -18.88 -20.96
CA LYS A 334 5.80 -18.44 -20.71
C LYS A 334 5.44 -18.39 -19.23
N LYS A 335 6.35 -18.80 -18.34
CA LYS A 335 6.11 -18.61 -16.91
C LYS A 335 6.49 -17.21 -16.45
N ILE A 336 7.33 -16.50 -17.20
CA ILE A 336 7.76 -15.14 -16.84
C ILE A 336 6.63 -14.18 -17.19
N LYS A 337 5.94 -13.66 -16.18
CA LYS A 337 4.83 -12.76 -16.44
C LYS A 337 5.29 -11.34 -16.69
N ALA A 338 6.40 -10.92 -16.07
CA ALA A 338 6.87 -9.56 -16.25
C ALA A 338 8.37 -9.51 -15.99
N TYR A 339 9.03 -8.59 -16.69
CA TYR A 339 10.44 -8.31 -16.51
C TYR A 339 10.59 -6.83 -16.16
N LEU A 340 11.33 -6.53 -15.10
CA LEU A 340 11.56 -5.15 -14.68
C LEU A 340 13.06 -4.87 -14.75
N ASN A 341 13.44 -3.82 -15.46
CA ASN A 341 14.84 -3.53 -15.73
C ASN A 341 15.28 -2.29 -14.97
N PHE A 342 16.43 -2.36 -14.32
CA PHE A 342 16.95 -1.22 -13.56
C PHE A 342 18.38 -0.95 -13.98
N ASP A 343 18.56 0.05 -14.84
CA ASP A 343 19.85 0.36 -15.44
C ASP A 343 20.07 1.88 -15.35
N MET A 344 20.92 2.30 -14.43
CA MET A 344 21.22 3.71 -14.18
C MET A 344 20.05 4.38 -13.47
N ILE A 345 20.10 4.40 -12.14
CA ILE A 345 19.02 4.97 -11.34
C ILE A 345 19.61 5.89 -10.29
N GLY A 346 20.86 6.27 -10.48
CA GLY A 346 21.48 7.20 -9.55
C GLY A 346 22.22 8.34 -10.22
N SER A 347 21.74 8.78 -11.38
CA SER A 347 22.51 9.75 -12.18
C SER A 347 22.68 11.04 -11.39
N PRO A 348 23.85 11.69 -11.47
CA PRO A 348 24.09 12.89 -10.64
C PRO A 348 23.11 14.03 -10.92
N ASN A 349 22.80 14.28 -12.19
CA ASN A 349 21.88 15.31 -12.63
C ASN A 349 20.60 14.64 -13.15
N PHE A 350 19.98 13.83 -12.29
CA PHE A 350 18.98 12.85 -12.70
C PHE A 350 17.68 13.50 -13.19
N GLY A 351 16.96 12.76 -14.02
CA GLY A 351 15.52 12.91 -14.19
C GLY A 351 14.81 11.64 -13.76
N ASN A 352 13.49 11.70 -13.52
CA ASN A 352 12.69 10.53 -13.15
C ASN A 352 12.06 9.99 -14.42
N PHE A 353 12.71 9.00 -15.04
CA PHE A 353 12.29 8.49 -16.34
C PHE A 353 11.72 7.09 -16.19
N ILE A 354 10.59 6.87 -16.85
CA ILE A 354 9.89 5.59 -16.83
C ILE A 354 9.78 5.11 -18.27
N TYR A 355 10.09 3.85 -18.51
CA TYR A 355 9.97 3.28 -19.83
C TYR A 355 8.57 3.53 -20.39
N ASP A 356 8.51 4.06 -21.61
CA ASP A 356 7.24 4.44 -22.22
C ASP A 356 6.60 3.20 -22.81
N GLY A 357 6.27 2.27 -21.92
CA GLY A 357 5.83 0.96 -22.35
C GLY A 357 4.54 1.01 -23.14
N ASP A 358 3.70 2.00 -22.88
CA ASP A 358 2.47 2.21 -23.62
C ASP A 358 2.63 3.09 -24.87
N GLY A 359 3.85 3.49 -25.25
CA GLY A 359 4.02 4.26 -26.46
C GLY A 359 3.41 5.65 -26.44
N SER A 360 2.88 6.10 -25.31
CA SER A 360 2.18 7.39 -25.27
C SER A 360 3.07 8.55 -25.69
N ASP A 361 4.34 8.51 -25.29
CA ASP A 361 5.21 9.63 -25.60
C ASP A 361 5.95 9.48 -26.93
N PHE A 362 6.35 8.27 -27.32
CA PHE A 362 7.22 8.10 -28.47
C PHE A 362 6.70 7.13 -29.51
N GLY A 363 5.51 6.56 -29.33
CA GLY A 363 4.84 5.76 -30.33
C GLY A 363 5.11 4.26 -30.28
N LEU A 364 6.13 3.80 -29.55
CA LEU A 364 6.51 2.39 -29.54
C LEU A 364 6.08 1.78 -28.22
N GLN A 365 5.13 0.88 -28.26
CA GLN A 365 4.77 0.26 -27.00
C GLN A 365 5.22 -1.21 -26.99
N GLY A 366 5.49 -1.72 -25.79
CA GLY A 366 5.95 -3.08 -25.58
C GLY A 366 4.86 -4.12 -25.68
N PRO A 367 5.21 -5.35 -25.36
CA PRO A 367 4.21 -6.43 -25.30
C PRO A 367 3.11 -6.08 -24.32
N PRO A 368 1.93 -6.66 -24.50
CA PRO A 368 0.81 -6.40 -23.60
C PRO A 368 1.19 -6.62 -22.14
N GLY A 369 0.75 -5.69 -21.28
CA GLY A 369 1.09 -5.63 -19.88
C GLY A 369 2.11 -4.54 -19.56
N SER A 370 3.01 -4.26 -20.51
CA SER A 370 3.96 -3.15 -20.39
C SER A 370 3.25 -1.86 -19.99
N ALA A 371 2.09 -1.58 -20.59
CA ALA A 371 1.32 -0.41 -20.22
C ALA A 371 0.99 -0.42 -18.72
N ALA A 372 0.60 -1.59 -18.20
CA ALA A 372 0.24 -1.67 -16.79
C ALA A 372 1.46 -1.51 -15.89
N ILE A 373 2.61 -2.05 -16.29
CA ILE A 373 3.82 -1.87 -15.48
C ILE A 373 4.22 -0.39 -15.44
N GLU A 374 4.19 0.27 -16.60
CA GLU A 374 4.50 1.68 -16.63
C GLU A 374 3.52 2.49 -15.78
N ARG A 375 2.23 2.15 -15.83
CA ARG A 375 1.27 2.86 -14.99
C ARG A 375 1.50 2.58 -13.50
N LEU A 376 1.96 1.39 -13.14
CA LEU A 376 2.35 1.14 -11.75
C LEU A 376 3.47 2.09 -11.33
N PHE A 377 4.52 2.19 -12.15
CA PHE A 377 5.62 3.10 -11.85
C PHE A 377 5.13 4.56 -11.74
N GLU A 378 4.28 4.97 -12.68
CA GLU A 378 3.69 6.31 -12.63
C GLU A 378 2.93 6.53 -11.33
N ALA A 379 2.14 5.53 -10.93
CA ALA A 379 1.35 5.61 -9.72
C ALA A 379 2.25 5.86 -8.52
N TYR A 380 3.35 5.11 -8.43
CA TYR A 380 4.23 5.30 -7.28
C TYR A 380 4.79 6.71 -7.26
N PHE A 381 5.30 7.18 -8.39
CA PHE A 381 5.85 8.52 -8.39
C PHE A 381 4.79 9.56 -8.00
N ARG A 382 3.56 9.37 -8.50
CA ARG A 382 2.50 10.32 -8.17
C ARG A 382 2.21 10.30 -6.69
N LEU A 383 2.23 9.12 -6.07
CA LEU A 383 1.95 9.05 -4.65
C LEU A 383 3.11 9.54 -3.80
N ARG A 384 4.35 9.49 -4.30
CA ARG A 384 5.43 10.12 -3.56
C ARG A 384 5.40 11.63 -3.68
N GLY A 385 4.41 12.19 -4.37
CA GLY A 385 4.44 13.60 -4.67
C GLY A 385 5.56 13.99 -5.61
N GLN A 386 5.93 13.11 -6.53
CA GLN A 386 7.08 13.32 -7.40
C GLN A 386 6.67 13.35 -8.87
N GLN A 387 7.33 14.23 -9.62
CA GLN A 387 7.10 14.29 -11.05
C GLN A 387 7.83 13.14 -11.74
N SER A 388 7.33 12.77 -12.91
CA SER A 388 7.89 11.68 -13.70
C SER A 388 7.54 11.93 -15.16
N GLU A 389 8.30 11.31 -16.05
CA GLU A 389 7.97 11.35 -17.47
C GLU A 389 8.54 10.10 -18.15
N GLY A 390 8.05 9.86 -19.38
CA GLY A 390 8.46 8.69 -20.11
C GLY A 390 9.81 8.87 -20.81
N THR A 391 10.43 7.74 -21.13
CA THR A 391 11.70 7.72 -21.83
C THR A 391 11.65 6.63 -22.90
N GLU A 392 12.47 6.81 -23.93
CA GLU A 392 12.38 6.00 -25.13
C GLU A 392 12.79 4.57 -24.87
N ILE A 393 12.09 3.64 -25.52
CA ILE A 393 12.52 2.24 -25.58
C ILE A 393 13.49 2.16 -26.75
N ASP A 394 14.71 2.62 -26.52
CA ASP A 394 15.70 2.62 -27.59
C ASP A 394 16.52 1.33 -27.63
N PHE A 395 16.14 0.31 -26.85
CA PHE A 395 16.78 -1.00 -26.87
C PHE A 395 18.23 -0.93 -26.47
N ARG A 396 18.56 -0.06 -25.51
CA ARG A 396 19.93 0.10 -25.07
C ARG A 396 20.19 -0.57 -23.73
N SER A 397 19.33 -1.49 -23.32
CA SER A 397 19.57 -2.25 -22.09
C SER A 397 18.92 -3.62 -22.22
N ASP A 398 18.89 -4.35 -21.10
CA ASP A 398 18.70 -5.79 -21.09
C ASP A 398 17.25 -6.23 -21.24
N TYR A 399 16.30 -5.29 -21.28
CA TYR A 399 14.92 -5.65 -21.58
C TYR A 399 14.72 -6.06 -23.04
N ALA A 400 15.69 -5.79 -23.93
CA ALA A 400 15.51 -5.97 -25.37
C ALA A 400 15.04 -7.38 -25.75
N GLU A 401 15.74 -8.42 -25.26
CA GLU A 401 15.36 -9.77 -25.65
C GLU A 401 14.01 -10.16 -25.07
N PHE A 402 13.65 -9.58 -23.93
CA PHE A 402 12.32 -9.79 -23.38
C PHE A 402 11.27 -9.18 -24.27
N PHE A 403 11.50 -7.94 -24.73
CA PHE A 403 10.61 -7.30 -25.70
C PHE A 403 10.44 -8.18 -26.94
N ASN A 404 11.56 -8.67 -27.50
CA ASN A 404 11.51 -9.50 -28.70
C ASN A 404 10.73 -10.79 -28.48
N SER A 405 10.64 -11.25 -27.23
CA SER A 405 9.88 -12.44 -26.88
C SER A 405 8.44 -12.15 -26.47
N GLY A 406 8.00 -10.89 -26.53
CA GLY A 406 6.64 -10.60 -26.15
C GLY A 406 6.33 -10.66 -24.67
N ILE A 407 7.34 -10.51 -23.82
CA ILE A 407 7.14 -10.52 -22.37
C ILE A 407 6.87 -9.09 -21.91
N ALA A 408 5.86 -8.92 -21.06
CA ALA A 408 5.61 -7.61 -20.47
C ALA A 408 6.83 -7.12 -19.70
N PHE A 409 7.17 -5.85 -19.90
CA PHE A 409 8.34 -5.30 -19.25
C PHE A 409 8.18 -3.81 -18.99
N GLY A 410 9.01 -3.30 -18.09
CA GLY A 410 9.10 -1.88 -17.82
C GLY A 410 10.41 -1.64 -17.09
N GLY A 411 10.60 -0.40 -16.68
CA GLY A 411 11.80 -0.09 -15.93
C GLY A 411 11.97 1.39 -15.70
N LEU A 412 13.03 1.69 -14.96
CA LEU A 412 13.33 3.04 -14.51
C LEU A 412 14.71 3.43 -15.02
N PHE A 413 14.93 4.74 -15.10
CA PHE A 413 16.13 5.29 -15.72
C PHE A 413 16.24 6.73 -15.23
N THR A 414 17.44 7.15 -14.84
CA THR A 414 17.66 8.53 -14.42
C THR A 414 18.43 9.36 -15.43
N GLY A 415 18.80 8.79 -16.56
CA GLY A 415 19.36 9.54 -17.68
C GLY A 415 20.85 9.27 -17.86
N ALA A 416 21.31 9.37 -19.10
CA ALA A 416 22.71 9.15 -19.39
C ALA A 416 23.33 10.37 -20.04
N GLU A 417 23.69 10.26 -21.32
CA GLU A 417 24.36 11.35 -22.03
C GLU A 417 23.40 12.42 -22.57
N GLY A 418 22.09 12.19 -22.50
CA GLY A 418 21.16 13.25 -22.83
C GLY A 418 21.33 14.47 -21.92
N LEU A 419 20.84 15.61 -22.39
CA LEU A 419 20.95 16.86 -21.64
C LEU A 419 19.60 17.23 -21.03
N LYS A 420 19.65 17.73 -19.80
CA LYS A 420 18.46 18.04 -19.03
C LYS A 420 17.85 19.34 -19.52
N THR A 421 16.56 19.29 -19.90
CA THR A 421 15.87 20.49 -20.33
C THR A 421 15.54 21.38 -19.13
N GLU A 422 15.15 22.62 -19.43
CA GLU A 422 14.78 23.56 -18.38
C GLU A 422 13.51 23.11 -17.67
N GLU A 423 12.56 22.55 -18.43
CA GLU A 423 11.38 21.96 -17.83
C GLU A 423 11.76 20.83 -16.87
N GLN A 424 12.68 19.98 -17.29
CA GLN A 424 13.13 18.91 -16.41
C GLN A 424 13.87 19.46 -15.20
N ALA A 425 14.71 20.49 -15.38
CA ALA A 425 15.37 21.07 -14.22
C ALA A 425 14.37 21.57 -13.20
N GLN A 426 13.27 22.18 -13.65
CA GLN A 426 12.32 22.65 -12.65
C GLN A 426 11.50 21.50 -12.04
N LYS A 427 11.36 20.36 -12.75
CA LYS A 427 10.69 19.21 -12.14
C LYS A 427 11.58 18.42 -11.19
N TYR A 428 12.88 18.31 -11.48
CA TYR A 428 13.76 17.39 -10.79
C TYR A 428 14.96 18.07 -10.13
N GLY A 429 15.07 19.40 -10.19
CA GLY A 429 16.28 20.02 -9.72
C GLY A 429 17.43 19.73 -10.70
N GLY A 430 18.65 19.96 -10.21
CA GLY A 430 19.83 19.77 -11.03
C GLY A 430 20.08 20.98 -11.92
N THR A 431 20.73 20.75 -13.05
CA THR A 431 21.18 21.82 -13.91
C THR A 431 20.75 21.53 -15.33
N ALA A 432 19.92 22.42 -15.89
CA ALA A 432 19.52 22.29 -17.28
C ALA A 432 20.72 22.50 -18.20
N GLY A 433 20.65 21.87 -19.37
CA GLY A 433 21.67 22.00 -20.41
C GLY A 433 22.93 21.19 -20.20
N LYS A 434 22.98 20.37 -19.15
CA LYS A 434 24.09 19.49 -18.84
C LYS A 434 23.61 18.04 -18.95
N ALA A 435 24.55 17.10 -19.05
CA ALA A 435 24.18 15.71 -19.17
C ALA A 435 23.56 15.20 -17.87
N TYR A 436 22.55 14.33 -18.00
CA TYR A 436 22.02 13.65 -16.81
C TYR A 436 23.15 12.95 -16.05
N ASP A 437 24.09 12.34 -16.78
CA ASP A 437 25.29 11.72 -16.21
C ASP A 437 26.49 12.15 -17.05
N GLU A 438 27.14 13.24 -16.61
CA GLU A 438 28.34 13.77 -17.23
C GLU A 438 29.52 12.81 -17.10
N CYS A 439 29.44 11.80 -16.23
CA CYS A 439 30.48 10.79 -16.12
C CYS A 439 30.01 9.47 -16.73
N TYR A 440 29.04 9.52 -17.63
CA TYR A 440 28.63 8.34 -18.36
C TYR A 440 29.82 7.62 -19.00
N HIS A 441 29.99 6.34 -18.68
CA HIS A 441 30.99 5.49 -19.32
C HIS A 441 32.39 6.04 -19.13
N SER A 442 32.65 6.72 -18.01
CA SER A 442 33.92 7.37 -17.78
C SER A 442 34.60 6.83 -16.54
N LYS A 443 35.87 7.20 -16.39
CA LYS A 443 36.59 6.83 -15.18
C LYS A 443 35.96 7.46 -13.94
N CYS A 444 35.37 8.64 -14.07
CA CYS A 444 34.77 9.32 -12.92
C CYS A 444 33.41 8.74 -12.48
N ASP A 445 32.87 7.72 -13.16
CA ASP A 445 31.57 7.14 -12.75
C ASP A 445 31.79 6.30 -11.49
N GLY A 446 32.14 7.00 -10.42
CA GLY A 446 32.44 6.39 -9.15
C GLY A 446 31.37 6.66 -8.10
N ILE A 447 31.69 6.29 -6.86
CA ILE A 447 30.73 6.48 -5.76
C ILE A 447 30.33 7.95 -5.63
N ALA A 448 31.22 8.86 -6.02
CA ALA A 448 30.91 10.28 -5.96
C ALA A 448 30.02 10.75 -7.10
N ASN A 449 29.81 9.93 -8.13
CA ASN A 449 28.91 10.29 -9.21
C ASN A 449 27.45 10.02 -8.86
N ILE A 450 27.18 9.40 -7.72
CA ILE A 450 25.85 8.91 -7.36
C ILE A 450 25.07 10.03 -6.69
N ASN A 451 23.89 10.33 -7.22
CA ASN A 451 22.94 11.22 -6.56
C ASN A 451 22.04 10.40 -5.67
N GLN A 452 22.10 10.65 -4.36
CA GLN A 452 21.40 9.79 -3.41
C GLN A 452 19.90 10.03 -3.38
N ASP A 453 19.43 11.24 -3.67
CA ASP A 453 17.98 11.45 -3.78
C ASP A 453 17.39 10.55 -4.86
N ALA A 454 18.00 10.57 -6.04
CA ALA A 454 17.56 9.71 -7.12
C ALA A 454 17.57 8.26 -6.69
N LEU A 455 18.69 7.82 -6.12
CA LEU A 455 18.85 6.43 -5.74
C LEU A 455 17.75 6.00 -4.78
N GLU A 456 17.45 6.83 -3.77
CA GLU A 456 16.40 6.48 -2.82
C GLU A 456 15.04 6.38 -3.51
N ILE A 457 14.66 7.37 -4.32
CA ILE A 457 13.30 7.31 -4.86
C ILE A 457 13.18 6.18 -5.91
N HIS A 458 14.22 5.95 -6.69
CA HIS A 458 14.08 4.89 -7.68
C HIS A 458 14.20 3.52 -7.03
N SER A 459 15.01 3.39 -5.98
CA SER A 459 14.98 2.15 -5.20
C SER A 459 13.60 1.89 -4.63
N ASP A 460 12.99 2.93 -4.03
CA ASP A 460 11.66 2.78 -3.47
C ASP A 460 10.65 2.39 -4.55
N ALA A 461 10.78 2.99 -5.73
CA ALA A 461 9.87 2.68 -6.85
C ALA A 461 10.09 1.24 -7.34
N MET A 462 11.35 0.83 -7.43
CA MET A 462 11.68 -0.56 -7.74
C MET A 462 10.99 -1.50 -6.74
N ALA A 463 11.12 -1.19 -5.46
CA ALA A 463 10.51 -2.02 -4.41
C ALA A 463 9.01 -2.03 -4.53
N PHE A 464 8.40 -0.86 -4.73
CA PHE A 464 6.95 -0.76 -4.79
C PHE A 464 6.38 -1.62 -5.91
N VAL A 465 6.89 -1.44 -7.13
CA VAL A 465 6.33 -2.17 -8.26
C VAL A 465 6.63 -3.67 -8.13
N THR A 466 7.83 -4.02 -7.65
CA THR A 466 8.14 -5.43 -7.49
C THR A 466 7.19 -6.10 -6.50
N SER A 467 7.01 -5.49 -5.32
CA SER A 467 6.12 -6.07 -4.32
C SER A 467 4.70 -6.20 -4.85
N TRP A 468 4.16 -5.11 -5.40
CA TRP A 468 2.82 -5.16 -5.99
C TRP A 468 2.69 -6.35 -6.93
N LEU A 469 3.62 -6.49 -7.89
CA LEU A 469 3.54 -7.60 -8.83
C LEU A 469 3.64 -8.95 -8.12
N SER A 470 4.50 -9.05 -7.09
CA SER A 470 4.63 -10.27 -6.30
C SER A 470 3.35 -10.64 -5.57
N LEU A 471 2.44 -9.68 -5.34
CA LEU A 471 1.15 -10.01 -4.75
C LEU A 471 0.05 -10.26 -5.78
N SER A 472 -0.04 -9.46 -6.84
CA SER A 472 -1.05 -9.69 -7.87
C SER A 472 -0.52 -9.21 -9.22
N THR A 473 -0.56 -10.08 -10.23
CA THR A 473 -0.23 -9.69 -11.58
C THR A 473 -1.46 -9.24 -12.38
N LYS A 474 -2.55 -8.91 -11.70
CA LYS A 474 -3.82 -8.87 -12.41
C LYS A 474 -3.96 -7.63 -13.29
N VAL A 475 -3.19 -6.57 -13.04
CA VAL A 475 -3.26 -5.46 -13.99
C VAL A 475 -2.47 -5.77 -15.24
N VAL A 476 -1.52 -6.70 -15.17
CA VAL A 476 -0.83 -7.15 -16.37
C VAL A 476 -1.63 -8.24 -17.07
N ASP A 477 -2.16 -9.18 -16.29
CA ASP A 477 -3.00 -10.23 -16.88
C ASP A 477 -4.17 -9.63 -17.63
N ASP A 478 -4.78 -8.57 -17.09
CA ASP A 478 -5.95 -7.98 -17.73
C ASP A 478 -5.64 -7.47 -19.13
N GLU A 479 -4.48 -6.82 -19.33
CA GLU A 479 -4.12 -6.35 -20.67
C GLU A 479 -3.65 -7.50 -21.56
N ILE A 480 -3.00 -8.51 -21.00
CA ILE A 480 -2.67 -9.71 -21.77
C ILE A 480 -3.94 -10.34 -22.34
N ALA A 481 -4.96 -10.46 -21.50
CA ALA A 481 -6.24 -11.04 -21.91
C ALA A 481 -6.92 -10.17 -22.96
N ALA A 482 -6.99 -8.86 -22.70
CA ALA A 482 -7.63 -7.94 -23.63
C ALA A 482 -6.99 -8.02 -25.01
N ALA A 483 -5.66 -8.13 -25.07
CA ALA A 483 -4.95 -8.19 -26.34
C ALA A 483 -4.91 -9.60 -26.94
N GLY A 484 -5.23 -10.63 -26.16
CA GLY A 484 -4.88 -11.99 -26.51
C GLY A 484 -5.82 -12.79 -27.39
N GLN A 485 -7.11 -12.49 -27.37
CA GLN A 485 -8.09 -13.20 -28.21
C GLN A 485 -8.39 -14.62 -27.74
N LYS A 486 -7.72 -15.12 -26.70
CA LYS A 486 -7.83 -16.53 -26.33
C LYS A 486 -9.10 -16.79 -25.54
N LEU A 487 -10.13 -17.27 -26.24
CA LEU A 487 -11.50 -17.37 -25.74
C LEU A 487 -11.74 -18.71 -25.02
N VAL A 488 -12.28 -18.62 -23.81
CA VAL A 488 -12.56 -19.80 -22.99
C VAL A 488 -13.99 -20.24 -23.26
N PRO A 489 -14.20 -21.46 -23.74
CA PRO A 489 -15.56 -21.94 -24.07
C PRO A 489 -16.31 -22.61 -22.93
N ARG A 490 -15.69 -22.79 -21.76
CA ARG A 490 -16.33 -23.40 -20.59
C ARG A 490 -15.72 -22.92 -19.26
N SER B 18 -12.02 13.59 -10.91
CA SER B 18 -12.70 12.37 -11.35
C SER B 18 -11.76 11.18 -11.44
N ILE B 19 -10.46 11.39 -11.22
CA ILE B 19 -9.53 10.29 -11.02
C ILE B 19 -9.94 9.41 -9.83
N CYS B 20 -10.69 9.97 -8.88
CA CYS B 20 -11.16 9.27 -7.69
C CYS B 20 -12.57 8.69 -7.83
N LYS B 21 -13.19 8.82 -9.01
CA LYS B 21 -14.35 7.99 -9.34
C LYS B 21 -13.93 6.64 -9.90
N SER B 22 -12.62 6.38 -9.97
CA SER B 22 -11.98 5.27 -10.65
C SER B 22 -11.74 4.11 -9.69
N PRO B 23 -12.17 2.91 -10.05
CA PRO B 23 -11.92 1.73 -9.20
C PRO B 23 -10.46 1.46 -8.91
N LEU B 24 -9.57 1.78 -9.85
CA LEU B 24 -8.12 1.66 -9.63
C LEU B 24 -7.72 2.17 -8.27
N LEU B 25 -8.08 3.41 -7.96
CA LEU B 25 -7.63 4.06 -6.74
C LEU B 25 -8.43 3.61 -5.53
N VAL B 26 -9.75 3.81 -5.58
CA VAL B 26 -10.56 3.72 -4.38
C VAL B 26 -10.61 2.31 -3.81
N SER B 27 -10.24 1.28 -4.58
CA SER B 27 -10.29 -0.10 -4.14
C SER B 27 -9.03 -0.53 -3.39
N THR B 28 -8.08 0.38 -3.11
CA THR B 28 -6.85 -0.05 -2.46
C THR B 28 -6.54 0.81 -1.25
N PRO B 29 -5.79 0.28 -0.28
CA PRO B 29 -5.38 1.11 0.87
C PRO B 29 -4.46 2.26 0.46
N LEU B 30 -3.91 2.26 -0.75
CA LEU B 30 -3.14 3.41 -1.21
C LEU B 30 -4.04 4.51 -1.78
N GLY B 31 -5.14 4.15 -2.41
CA GLY B 31 -5.94 5.18 -3.06
C GLY B 31 -7.03 5.75 -2.20
N LEU B 32 -7.68 4.90 -1.40
CA LEU B 32 -8.81 5.38 -0.63
C LEU B 32 -8.42 6.52 0.30
N PRO B 33 -7.38 6.41 1.14
CA PRO B 33 -7.02 7.58 1.99
C PRO B 33 -6.71 8.83 1.18
N ARG B 34 -6.05 8.69 0.03
CA ARG B 34 -5.69 9.90 -0.70
C ARG B 34 -6.91 10.51 -1.36
N CYS B 35 -7.96 9.72 -1.61
CA CYS B 35 -9.18 10.23 -2.20
C CYS B 35 -10.23 10.65 -1.17
N LEU B 36 -10.05 10.30 0.10
CA LEU B 36 -10.85 10.87 1.17
C LEU B 36 -10.19 12.19 1.61
N GLN B 37 -10.83 13.30 1.29
CA GLN B 37 -10.25 14.61 1.58
C GLN B 37 -10.97 15.26 2.76
N ALA B 38 -10.17 15.61 3.76
CA ALA B 38 -10.65 16.27 4.96
C ALA B 38 -11.53 17.47 4.64
N SER B 39 -11.23 18.21 3.57
CA SER B 39 -12.04 19.39 3.22
C SER B 39 -13.48 18.99 2.90
N ASN B 40 -13.66 17.88 2.20
CA ASN B 40 -15.00 17.37 1.93
C ASN B 40 -15.70 16.96 3.21
N VAL B 41 -14.95 16.35 4.14
CA VAL B 41 -15.53 15.97 5.43
C VAL B 41 -15.98 17.20 6.19
N VAL B 42 -15.16 18.27 6.16
CA VAL B 42 -15.47 19.51 6.84
C VAL B 42 -16.73 20.12 6.24
N LYS B 43 -16.90 20.02 4.92
CA LYS B 43 -18.18 20.42 4.31
C LYS B 43 -19.34 19.63 4.91
N ARG B 44 -19.18 18.32 5.07
CA ARG B 44 -20.31 17.54 5.60
C ARG B 44 -20.61 17.94 7.05
N LEU B 45 -19.57 18.15 7.85
CA LEU B 45 -19.72 18.62 9.21
C LEU B 45 -20.42 19.96 9.26
N GLN B 46 -20.10 20.86 8.31
CA GLN B 46 -20.78 22.15 8.25
C GLN B 46 -22.25 21.95 7.95
N LYS B 47 -22.57 20.99 7.08
CA LYS B 47 -23.97 20.65 6.86
C LYS B 47 -24.65 20.21 8.16
N LEU B 48 -23.97 19.37 8.94
CA LEU B 48 -24.59 18.89 10.17
C LEU B 48 -24.80 20.03 11.15
N GLU B 49 -23.83 20.96 11.22
CA GLU B 49 -23.99 22.11 12.11
C GLU B 49 -25.14 23.00 11.65
N ASP B 50 -25.26 23.24 10.35
CA ASP B 50 -26.41 23.97 9.84
C ASP B 50 -27.72 23.26 10.21
N ILE B 51 -27.73 21.93 10.09
CA ILE B 51 -28.90 21.16 10.49
C ILE B 51 -29.23 21.41 11.95
N ALA B 52 -28.21 21.40 12.81
CA ALA B 52 -28.46 21.68 14.22
C ALA B 52 -28.94 23.12 14.44
N SER B 53 -28.46 24.07 13.63
CA SER B 53 -28.85 25.47 13.83
C SER B 53 -30.30 25.73 13.45
N LEU B 54 -30.85 24.97 12.52
CA LEU B 54 -32.25 25.13 12.16
C LEU B 54 -33.15 24.21 12.95
N ASN B 55 -32.59 23.40 13.86
CA ASN B 55 -33.39 22.46 14.65
C ASN B 55 -33.03 22.57 16.13
N ASP B 56 -33.13 23.79 16.66
CA ASP B 56 -33.02 24.12 18.08
C ASP B 56 -31.62 23.91 18.65
N GLY B 57 -30.62 23.68 17.80
CA GLY B 57 -29.26 23.61 18.26
C GLY B 57 -28.73 22.22 18.56
N ASN B 58 -29.47 21.17 18.26
CA ASN B 58 -29.04 19.81 18.57
C ASN B 58 -29.53 18.85 17.51
N ARG B 59 -28.96 17.64 17.52
CA ARG B 59 -29.32 16.55 16.63
C ARG B 59 -29.58 15.28 17.44
N ALA B 60 -30.34 15.43 18.52
CA ALA B 60 -30.55 14.36 19.49
C ALA B 60 -31.65 13.38 19.02
N ALA B 61 -31.59 12.16 19.57
CA ALA B 61 -32.61 11.15 19.30
C ALA B 61 -34.01 11.72 19.51
N ALA B 62 -34.93 11.38 18.60
CA ALA B 62 -36.32 11.81 18.64
C ALA B 62 -36.45 13.34 18.57
N THR B 63 -35.55 14.01 17.87
CA THR B 63 -35.69 15.43 17.57
C THR B 63 -35.71 15.65 16.06
N PRO B 64 -36.24 16.78 15.59
CA PRO B 64 -36.12 17.10 14.16
C PRO B 64 -34.66 17.22 13.69
N GLY B 65 -33.74 17.64 14.57
CA GLY B 65 -32.34 17.69 14.19
C GLY B 65 -31.78 16.33 13.82
N TYR B 66 -32.14 15.29 14.59
CA TYR B 66 -31.71 13.95 14.23
C TYR B 66 -32.37 13.49 12.93
N GLN B 67 -33.66 13.78 12.76
CA GLN B 67 -34.37 13.35 11.55
C GLN B 67 -33.76 13.99 10.30
N ALA B 68 -33.40 15.28 10.41
CA ALA B 68 -32.71 15.99 9.33
C ALA B 68 -31.32 15.40 9.08
N SER B 69 -30.61 14.98 10.15
CA SER B 69 -29.33 14.29 9.97
C SER B 69 -29.53 13.00 9.19
N VAL B 70 -30.59 12.28 9.51
CA VAL B 70 -30.88 11.04 8.80
C VAL B 70 -31.15 11.33 7.34
N ASP B 71 -31.93 12.36 7.08
CA ASP B 71 -32.25 12.68 5.69
C ASP B 71 -30.99 13.01 4.91
N TYR B 72 -30.11 13.79 5.51
CA TYR B 72 -28.87 14.17 4.84
C TYR B 72 -28.01 12.94 4.52
N VAL B 73 -27.88 12.02 5.48
CA VAL B 73 -27.09 10.81 5.26
C VAL B 73 -27.74 9.93 4.20
N LYS B 74 -29.04 9.70 4.33
CA LYS B 74 -29.74 8.82 3.40
C LYS B 74 -29.64 9.35 1.98
N GLN B 75 -29.84 10.66 1.81
CA GLN B 75 -29.88 11.24 0.47
C GLN B 75 -28.50 11.27 -0.13
N THR B 76 -27.47 11.51 0.69
CA THR B 76 -26.10 11.39 0.19
C THR B 76 -25.84 9.98 -0.33
N LEU B 77 -26.24 8.97 0.45
CA LEU B 77 -26.00 7.59 0.05
C LEU B 77 -26.77 7.22 -1.20
N GLN B 78 -28.02 7.69 -1.30
CA GLN B 78 -28.81 7.37 -2.49
C GLN B 78 -28.24 8.06 -3.73
N LYS B 79 -27.82 9.32 -3.61
CA LYS B 79 -27.19 10.01 -4.73
C LYS B 79 -25.97 9.24 -5.23
N ALA B 80 -25.27 8.54 -4.34
CA ALA B 80 -24.13 7.73 -4.74
C ALA B 80 -24.53 6.33 -5.24
N GLY B 81 -25.82 6.05 -5.33
CA GLY B 81 -26.30 4.79 -5.88
C GLY B 81 -26.67 3.73 -4.86
N TYR B 82 -26.55 4.02 -3.57
CA TYR B 82 -26.84 3.00 -2.55
C TYR B 82 -28.34 2.87 -2.38
N LYS B 83 -28.77 1.64 -2.13
CA LYS B 83 -30.03 1.41 -1.46
C LYS B 83 -29.80 1.61 0.03
N VAL B 84 -30.62 2.44 0.65
CA VAL B 84 -30.48 2.77 2.07
C VAL B 84 -31.61 2.12 2.86
N SER B 85 -31.28 1.53 4.01
CA SER B 85 -32.27 1.02 4.96
C SER B 85 -32.33 1.96 6.17
N VAL B 86 -33.50 2.51 6.43
CA VAL B 86 -33.73 3.33 7.63
C VAL B 86 -34.48 2.43 8.60
N GLN B 87 -33.76 1.87 9.58
CA GLN B 87 -34.30 0.89 10.52
C GLN B 87 -34.82 1.61 11.77
N PRO B 88 -36.13 1.65 11.98
CA PRO B 88 -36.65 2.22 13.23
C PRO B 88 -36.55 1.22 14.37
N PHE B 89 -36.37 1.77 15.58
CA PHE B 89 -36.44 0.98 16.80
C PHE B 89 -37.13 1.81 17.90
N PRO B 90 -37.71 1.13 18.90
CA PRO B 90 -38.42 1.85 19.96
C PRO B 90 -37.49 2.68 20.81
N PHE B 91 -37.96 3.85 21.21
CA PHE B 91 -37.16 4.78 21.98
C PHE B 91 -38.11 5.53 22.88
N THR B 92 -37.87 5.49 24.18
CA THR B 92 -38.68 6.24 25.13
C THR B 92 -37.89 7.49 25.54
N ALA B 93 -38.37 8.64 25.10
CA ALA B 93 -37.74 9.90 25.47
C ALA B 93 -38.20 10.30 26.87
N TYR B 94 -37.25 10.60 27.73
CA TYR B 94 -37.56 11.01 29.09
C TYR B 94 -36.59 12.07 29.55
N TYR B 95 -37.11 13.15 30.11
CA TYR B 95 -36.23 14.04 30.85
C TYR B 95 -37.04 14.86 31.84
N PRO B 96 -36.49 15.19 32.99
CA PRO B 96 -37.22 16.03 33.92
C PRO B 96 -37.18 17.46 33.45
N LYS B 97 -38.29 18.17 33.66
CA LYS B 97 -38.41 19.55 33.21
C LYS B 97 -38.23 20.54 34.35
N GLY B 98 -38.62 20.17 35.56
CA GLY B 98 -38.39 20.98 36.74
C GLY B 98 -38.48 20.15 38.01
N PRO B 99 -38.20 20.76 39.16
CA PRO B 99 -38.25 20.01 40.42
C PRO B 99 -39.67 19.54 40.70
N GLY B 100 -39.78 18.50 41.52
CA GLY B 100 -41.07 18.04 41.99
C GLY B 100 -41.56 18.81 43.19
N SER B 101 -42.80 18.53 43.58
CA SER B 101 -43.34 19.07 44.82
C SER B 101 -44.10 17.97 45.53
N LEU B 102 -44.02 17.98 46.85
CA LEU B 102 -44.69 16.97 47.66
C LEU B 102 -45.14 17.64 48.94
N SER B 103 -46.42 17.48 49.26
CA SER B 103 -47.04 18.19 50.37
C SER B 103 -48.00 17.26 51.09
N ALA B 104 -47.96 17.31 52.42
CA ALA B 104 -49.03 16.72 53.22
C ALA B 104 -50.15 17.75 53.35
N THR B 105 -51.38 17.34 53.05
CA THR B 105 -52.53 18.21 53.20
C THR B 105 -53.33 17.93 54.49
N VAL B 106 -53.63 16.66 54.75
CA VAL B 106 -54.30 16.25 55.98
C VAL B 106 -53.45 15.12 56.56
N PRO B 107 -53.23 15.04 57.90
CA PRO B 107 -53.87 15.83 58.95
C PRO B 107 -53.68 17.36 58.83
N GLN B 108 -52.48 17.90 58.56
CA GLN B 108 -52.34 19.33 58.26
C GLN B 108 -50.99 19.62 57.59
N PRO B 109 -50.78 20.81 57.01
CA PRO B 109 -49.73 20.99 56.00
C PRO B 109 -48.31 20.65 56.43
N VAL B 110 -47.61 19.98 55.51
CA VAL B 110 -46.18 19.65 55.54
C VAL B 110 -45.71 19.72 54.09
N THR B 111 -44.72 20.56 53.78
CA THR B 111 -44.12 20.54 52.45
C THR B 111 -42.71 19.97 52.56
N TYR B 112 -42.49 18.85 51.88
CA TYR B 112 -41.22 18.15 51.97
C TYR B 112 -40.26 18.79 50.97
N GLU B 113 -38.98 18.43 51.03
CA GLU B 113 -38.00 19.09 50.18
C GLU B 113 -37.40 18.19 49.12
N TRP B 114 -37.25 18.79 47.96
CA TRP B 114 -36.74 18.18 46.76
C TRP B 114 -35.32 17.66 46.98
N GLU B 115 -35.09 16.40 46.58
CA GLU B 115 -33.78 15.75 46.63
C GLU B 115 -33.24 15.54 48.04
N LYS B 116 -34.11 15.53 49.05
CA LYS B 116 -33.68 15.08 50.37
C LYS B 116 -34.73 14.14 50.95
N ASP B 117 -36.00 14.56 50.93
CA ASP B 117 -37.08 13.68 51.36
C ASP B 117 -37.55 12.77 50.24
N PHE B 118 -37.47 13.24 48.99
CA PHE B 118 -38.04 12.54 47.86
C PHE B 118 -37.31 13.01 46.61
N THR B 119 -37.44 12.21 45.55
CA THR B 119 -36.93 12.49 44.21
C THR B 119 -37.77 11.72 43.20
N TYR B 120 -37.47 11.90 41.92
CA TYR B 120 -38.18 11.17 40.85
C TYR B 120 -37.65 9.75 40.68
N LEU B 121 -38.52 8.87 40.19
CA LEU B 121 -38.04 7.72 39.43
C LEU B 121 -37.82 8.18 37.99
N SER B 122 -36.63 7.95 37.45
CA SER B 122 -36.45 8.13 36.02
C SER B 122 -37.45 7.27 35.29
N GLN B 123 -37.92 7.77 34.14
CA GLN B 123 -38.99 7.16 33.33
C GLN B 123 -40.35 7.26 33.98
N THR B 124 -40.51 8.07 35.03
CA THR B 124 -41.85 8.36 35.51
C THR B 124 -42.62 9.16 34.46
N GLU B 125 -43.93 8.95 34.44
CA GLU B 125 -44.79 9.94 33.81
C GLU B 125 -44.90 11.17 34.72
N ALA B 126 -45.30 12.30 34.10
CA ALA B 126 -45.61 13.51 34.82
C ALA B 126 -46.96 13.38 35.54
N GLY B 127 -47.22 14.27 36.50
CA GLY B 127 -48.51 14.24 37.15
C GLY B 127 -48.67 15.32 38.19
N ASP B 128 -49.92 15.52 38.61
CA ASP B 128 -50.29 16.38 39.73
C ASP B 128 -51.44 15.67 40.42
N VAL B 129 -51.16 15.04 41.55
CA VAL B 129 -52.11 14.15 42.21
C VAL B 129 -52.13 14.47 43.71
N THR B 130 -53.32 14.65 44.25
CA THR B 130 -53.49 14.81 45.70
C THR B 130 -54.52 13.79 46.14
N ALA B 131 -54.15 12.93 47.09
CA ALA B 131 -55.01 11.80 47.41
C ALA B 131 -54.66 11.17 48.75
N LYS B 132 -55.62 10.39 49.26
CA LYS B 132 -55.40 9.54 50.42
C LYS B 132 -54.29 8.54 50.12
N VAL B 133 -53.46 8.25 51.13
CA VAL B 133 -52.31 7.37 50.97
C VAL B 133 -52.63 6.01 51.56
N VAL B 134 -52.28 4.95 50.83
CA VAL B 134 -52.54 3.59 51.28
C VAL B 134 -51.25 2.78 51.21
N PRO B 135 -50.70 2.35 52.35
CA PRO B 135 -49.52 1.49 52.31
C PRO B 135 -49.89 0.09 51.81
N VAL B 136 -48.96 -0.52 51.08
CA VAL B 136 -49.23 -1.78 50.40
C VAL B 136 -48.19 -2.82 50.79
N ASP B 137 -48.63 -3.85 51.50
CA ASP B 137 -47.86 -5.08 51.71
C ASP B 137 -46.47 -4.79 52.30
N LEU B 138 -46.45 -4.00 53.35
CA LEU B 138 -45.18 -3.61 53.96
C LEU B 138 -44.63 -4.73 54.82
N SER B 139 -43.30 -4.87 54.83
CA SER B 139 -42.61 -5.74 55.80
C SER B 139 -41.32 -5.02 56.20
N LEU B 140 -41.39 -4.31 57.32
CA LEU B 140 -40.37 -3.36 57.74
C LEU B 140 -39.28 -4.05 58.56
N GLY B 141 -38.21 -3.31 58.80
CA GLY B 141 -37.20 -3.70 59.76
C GLY B 141 -35.97 -4.29 59.08
N ALA B 142 -34.89 -4.36 59.86
CA ALA B 142 -33.63 -4.85 59.33
C ALA B 142 -33.74 -6.31 58.91
N GLY B 143 -33.12 -6.64 57.78
CA GLY B 143 -33.11 -7.98 57.25
C GLY B 143 -34.35 -8.44 56.52
N ASN B 144 -35.37 -7.59 56.36
CA ASN B 144 -36.57 -8.01 55.68
C ASN B 144 -36.26 -8.34 54.22
N THR B 145 -37.05 -9.24 53.64
CA THR B 145 -36.96 -9.62 52.23
C THR B 145 -38.33 -9.35 51.57
N SER B 146 -38.72 -8.06 51.53
CA SER B 146 -40.08 -7.64 51.09
C SER B 146 -40.44 -7.87 49.63
N THR B 147 -41.73 -8.13 49.34
CA THR B 147 -42.18 -8.27 47.94
C THR B 147 -43.34 -7.30 47.72
N SER B 148 -43.31 -6.17 48.41
CA SER B 148 -44.42 -5.17 48.31
C SER B 148 -44.67 -4.80 46.85
N GLY B 149 -45.92 -4.88 46.40
CA GLY B 149 -46.27 -4.49 45.02
C GLY B 149 -45.73 -5.47 43.98
N CYS B 150 -45.08 -6.55 44.41
CA CYS B 150 -44.61 -7.58 43.45
C CYS B 150 -45.74 -8.51 42.98
N GLU B 151 -46.86 -8.58 43.71
CA GLU B 151 -47.99 -9.41 43.23
C GLU B 151 -49.31 -8.66 43.45
N ALA B 152 -50.32 -8.98 42.66
CA ALA B 152 -51.61 -8.24 42.73
C ALA B 152 -52.25 -8.33 44.11
N GLU B 153 -52.10 -9.47 44.77
CA GLU B 153 -52.88 -9.56 46.01
C GLU B 153 -52.17 -8.89 47.18
N ASP B 154 -51.16 -8.06 46.89
CA ASP B 154 -50.76 -7.04 47.85
C ASP B 154 -51.72 -5.87 47.82
N PHE B 155 -52.47 -5.74 46.72
CA PHE B 155 -53.40 -4.63 46.51
C PHE B 155 -54.83 -5.05 46.81
N ALA B 156 -54.99 -6.00 47.72
CA ALA B 156 -56.32 -6.46 48.08
C ALA B 156 -57.08 -5.31 48.73
N ASN B 157 -58.28 -5.04 48.21
CA ASN B 157 -59.11 -3.93 48.68
C ASN B 157 -58.40 -2.59 48.58
N PHE B 158 -57.51 -2.44 47.60
CA PHE B 158 -56.91 -1.15 47.30
C PHE B 158 -57.94 -0.23 46.67
N PRO B 159 -58.31 0.88 47.32
CA PRO B 159 -59.30 1.79 46.73
C PRO B 159 -58.72 2.58 45.55
N ALA B 160 -59.45 2.56 44.43
CA ALA B 160 -59.04 3.27 43.23
C ALA B 160 -58.96 4.78 43.49
N GLY B 161 -57.97 5.41 42.89
CA GLY B 161 -57.73 6.84 43.01
C GLY B 161 -56.68 7.24 44.02
N SER B 162 -56.30 6.36 44.94
CA SER B 162 -55.39 6.71 46.02
C SER B 162 -53.92 6.59 45.58
N ILE B 163 -53.06 7.24 46.34
CA ILE B 163 -51.62 7.08 46.17
C ILE B 163 -51.14 5.84 46.91
N ALA B 164 -50.47 4.94 46.19
CA ALA B 164 -49.91 3.73 46.77
C ALA B 164 -48.55 4.01 47.43
N LEU B 165 -48.41 3.59 48.68
CA LEU B 165 -47.13 3.68 49.42
C LEU B 165 -46.50 2.30 49.44
N ILE B 166 -45.39 2.14 48.71
CA ILE B 166 -44.83 0.83 48.42
C ILE B 166 -43.37 0.76 48.86
N GLN B 167 -42.97 -0.42 49.34
CA GLN B 167 -41.64 -0.71 49.82
C GLN B 167 -40.80 -1.40 48.73
N ARG B 168 -39.55 -0.98 48.60
CA ARG B 168 -38.61 -1.63 47.69
C ARG B 168 -38.35 -3.08 48.13
N GLY B 169 -38.13 -3.96 47.15
CA GLY B 169 -37.81 -5.34 47.43
C GLY B 169 -38.09 -6.33 46.31
N THR B 170 -37.11 -7.21 46.06
CA THR B 170 -37.24 -8.36 45.17
C THR B 170 -37.38 -7.98 43.70
N CYS B 171 -38.52 -7.40 43.33
CA CYS B 171 -38.86 -7.13 41.94
C CYS B 171 -38.55 -5.69 41.55
N ASN B 172 -38.59 -5.44 40.24
CA ASN B 172 -38.33 -4.13 39.70
C ASN B 172 -39.33 -3.11 40.22
N PHE B 173 -38.87 -1.85 40.36
CA PHE B 173 -39.77 -0.75 40.66
C PHE B 173 -40.88 -0.70 39.62
N GLU B 174 -40.52 -0.96 38.37
CA GLU B 174 -41.49 -1.03 37.28
C GLU B 174 -42.65 -1.96 37.64
N GLN B 175 -42.34 -3.15 38.17
CA GLN B 175 -43.40 -4.12 38.49
C GLN B 175 -44.32 -3.58 39.58
N LYS B 176 -43.74 -2.99 40.62
CA LYS B 176 -44.53 -2.38 41.69
C LYS B 176 -45.47 -1.32 41.13
N ALA B 177 -44.94 -0.40 40.32
CA ALA B 177 -45.76 0.72 39.87
C ALA B 177 -46.84 0.26 38.89
N GLU B 178 -46.54 -0.75 38.06
CA GLU B 178 -47.55 -1.21 37.12
C GLU B 178 -48.63 -2.02 37.84
N ASN B 179 -48.26 -2.72 38.91
CA ASN B 179 -49.28 -3.35 39.75
C ASN B 179 -50.17 -2.30 40.41
N ALA B 180 -49.56 -1.22 40.91
CA ALA B 180 -50.32 -0.16 41.54
C ALA B 180 -51.28 0.51 40.55
N ALA B 181 -50.81 0.79 39.33
CA ALA B 181 -51.67 1.39 38.32
C ALA B 181 -52.80 0.44 37.92
N ALA B 182 -52.48 -0.84 37.69
CA ALA B 182 -53.52 -1.80 37.37
C ALA B 182 -54.52 -1.93 38.52
N ALA B 183 -54.06 -1.76 39.75
CA ALA B 183 -54.97 -1.69 40.89
C ALA B 183 -55.67 -0.34 40.99
N GLY B 184 -55.39 0.59 40.09
CA GLY B 184 -56.09 1.86 40.05
C GLY B 184 -55.49 2.97 40.89
N ALA B 185 -54.22 2.87 41.28
CA ALA B 185 -53.56 3.99 41.95
C ALA B 185 -53.44 5.18 40.99
N ALA B 186 -53.59 6.39 41.54
CA ALA B 186 -53.35 7.62 40.79
C ALA B 186 -51.90 8.08 40.89
N GLY B 187 -51.12 7.49 41.78
CA GLY B 187 -49.72 7.82 41.93
C GLY B 187 -49.06 6.82 42.84
N VAL B 188 -47.73 6.80 42.80
CA VAL B 188 -46.95 5.83 43.55
C VAL B 188 -45.79 6.53 44.25
N ILE B 189 -45.69 6.30 45.56
CA ILE B 189 -44.54 6.70 46.35
C ILE B 189 -43.86 5.43 46.82
N ILE B 190 -42.63 5.21 46.35
CA ILE B 190 -41.83 4.03 46.69
C ILE B 190 -40.73 4.48 47.63
N PHE B 191 -40.61 3.81 48.76
CA PHE B 191 -39.56 4.10 49.72
C PHE B 191 -38.57 2.94 49.79
N ASN B 192 -37.32 3.27 50.13
CA ASN B 192 -36.23 2.32 50.12
C ASN B 192 -36.49 1.16 51.08
N GLN B 193 -35.77 0.06 50.85
CA GLN B 193 -36.10 -1.22 51.48
C GLN B 193 -35.81 -1.21 52.98
N GLY B 194 -34.74 -0.54 53.40
CA GLY B 194 -34.40 -0.49 54.81
C GLY B 194 -33.99 -1.80 55.44
N ASN B 195 -33.62 -2.79 54.63
CA ASN B 195 -33.20 -4.09 55.17
C ASN B 195 -31.81 -4.02 55.80
N THR B 196 -30.95 -3.13 55.29
CA THR B 196 -29.70 -2.76 55.93
C THR B 196 -29.66 -1.24 56.04
N ASP B 197 -28.65 -0.73 56.74
CA ASP B 197 -28.54 0.71 56.98
C ASP B 197 -28.02 1.49 55.79
N ASP B 198 -27.45 0.83 54.78
CA ASP B 198 -27.07 1.48 53.53
C ASP B 198 -28.25 1.62 52.57
N ARG B 199 -29.42 1.11 52.92
CA ARG B 199 -30.55 1.11 52.00
C ARG B 199 -31.73 1.90 52.57
N LYS B 200 -31.47 3.11 53.08
CA LYS B 200 -32.54 3.94 53.61
C LYS B 200 -32.63 5.35 53.04
N GLY B 201 -31.62 5.82 52.32
CA GLY B 201 -31.66 7.13 51.72
C GLY B 201 -32.25 7.13 50.32
N LEU B 202 -32.21 8.29 49.69
CA LEU B 202 -32.58 8.38 48.29
C LEU B 202 -31.51 7.75 47.41
N GLU B 203 -31.93 7.25 46.26
CA GLU B 203 -31.00 6.66 45.31
C GLU B 203 -31.44 7.07 43.91
N ASN B 204 -30.56 6.89 42.94
CA ASN B 204 -30.92 7.21 41.56
C ASN B 204 -31.54 5.97 40.94
N VAL B 205 -32.87 5.98 40.83
CA VAL B 205 -33.65 4.79 40.54
C VAL B 205 -34.61 5.08 39.39
N THR B 206 -35.07 4.00 38.75
CA THR B 206 -35.85 4.08 37.53
C THR B 206 -36.90 2.99 37.51
N VAL B 207 -38.04 3.30 36.88
CA VAL B 207 -39.02 2.27 36.54
C VAL B 207 -38.80 1.73 35.13
N GLY B 208 -37.74 2.18 34.44
CA GLY B 208 -37.31 1.65 33.16
C GLY B 208 -38.05 2.23 31.96
N GLU B 209 -37.41 2.23 30.78
CA GLU B 209 -38.09 2.71 29.57
C GLU B 209 -39.27 1.81 29.20
N SER B 210 -39.33 0.62 29.80
CA SER B 210 -40.36 -0.40 29.72
C SER B 210 -41.67 -0.02 30.42
N TYR B 211 -41.65 0.95 31.31
CA TYR B 211 -42.77 1.23 32.20
C TYR B 211 -44.00 1.71 31.43
N GLU B 212 -45.16 1.13 31.72
CA GLU B 212 -46.40 1.52 31.04
C GLU B 212 -47.54 1.76 32.02
N GLY B 213 -47.23 2.21 33.23
CA GLY B 213 -48.26 2.42 34.22
C GLY B 213 -49.06 3.70 34.04
N GLY B 214 -48.52 4.69 33.32
CA GLY B 214 -49.24 5.91 33.05
C GLY B 214 -49.38 6.88 34.20
N ILE B 215 -48.89 6.54 35.39
CA ILE B 215 -49.06 7.37 36.58
C ILE B 215 -47.68 7.78 37.06
N PRO B 216 -47.59 8.84 37.87
CA PRO B 216 -46.28 9.29 38.39
C PRO B 216 -45.76 8.45 39.55
N VAL B 217 -44.43 8.31 39.60
CA VAL B 217 -43.74 7.50 40.60
C VAL B 217 -42.59 8.31 41.18
N ILE B 218 -42.55 8.44 42.51
CA ILE B 218 -41.42 9.09 43.16
C ILE B 218 -40.83 8.17 44.21
N PHE B 219 -39.60 8.48 44.62
CA PHE B 219 -38.83 7.72 45.58
C PHE B 219 -38.62 8.55 46.83
N ALA B 220 -38.74 7.89 48.00
CA ALA B 220 -38.67 8.55 49.29
C ALA B 220 -37.73 7.81 50.24
N THR B 221 -37.32 8.50 51.30
CA THR B 221 -36.57 7.87 52.38
C THR B 221 -37.28 6.64 52.91
N TYR B 222 -36.50 5.69 53.44
CA TYR B 222 -37.08 4.60 54.22
C TYR B 222 -37.91 5.14 55.38
N ASP B 223 -37.38 6.12 56.11
CA ASP B 223 -38.04 6.58 57.34
C ASP B 223 -39.24 7.47 57.09
N ASN B 224 -39.24 8.29 56.04
CA ASN B 224 -40.46 8.98 55.66
C ASN B 224 -41.54 7.96 55.28
N GLY B 225 -41.15 6.90 54.56
CA GLY B 225 -42.09 5.84 54.26
C GLY B 225 -42.71 5.25 55.51
N VAL B 226 -41.89 4.99 56.54
CA VAL B 226 -42.44 4.42 57.77
C VAL B 226 -43.30 5.45 58.51
N ALA B 227 -42.85 6.71 58.55
CA ALA B 227 -43.64 7.76 59.16
C ALA B 227 -45.01 7.88 58.50
N TRP B 228 -45.05 7.87 57.17
CA TRP B 228 -46.32 7.98 56.46
C TRP B 228 -47.20 6.75 56.69
N SER B 229 -46.60 5.56 56.68
CA SER B 229 -47.34 4.31 56.85
C SER B 229 -48.03 4.22 58.20
N GLN B 230 -47.59 5.01 59.18
CA GLN B 230 -48.22 5.05 60.48
C GLN B 230 -48.83 6.43 60.73
N THR B 231 -49.30 7.09 59.67
CA THR B 231 -50.05 8.33 59.81
C THR B 231 -51.49 8.09 59.39
N PRO B 232 -52.42 7.94 60.33
CA PRO B 232 -53.84 7.89 59.95
C PRO B 232 -54.23 9.21 59.30
N ASP B 233 -55.24 9.14 58.43
CA ASP B 233 -55.88 10.34 57.88
C ASP B 233 -55.10 10.97 56.74
N LEU B 234 -53.87 10.55 56.47
CA LEU B 234 -53.03 11.44 55.68
C LEU B 234 -53.29 11.35 54.17
N GLN B 235 -53.08 12.50 53.54
CA GLN B 235 -53.29 12.84 52.15
C GLN B 235 -52.01 13.49 51.66
N LEU B 236 -51.50 13.08 50.50
CA LEU B 236 -50.32 13.72 49.94
C LEU B 236 -50.64 14.45 48.63
N HIS B 237 -49.96 15.59 48.42
CA HIS B 237 -50.00 16.33 47.16
C HIS B 237 -48.65 16.20 46.48
N LEU B 238 -48.64 15.49 45.36
CA LEU B 238 -47.44 15.12 44.63
C LEU B 238 -47.51 15.77 43.25
N VAL B 239 -46.40 16.42 42.84
CA VAL B 239 -46.27 17.03 41.53
C VAL B 239 -44.99 16.53 40.89
N VAL B 240 -45.07 16.07 39.65
CA VAL B 240 -43.95 15.47 38.93
C VAL B 240 -43.90 16.12 37.54
N ASP B 241 -42.86 16.89 37.28
CA ASP B 241 -42.79 17.75 36.12
C ASP B 241 -41.72 17.22 35.16
N VAL B 242 -42.12 16.33 34.25
CA VAL B 242 -41.20 15.69 33.32
C VAL B 242 -41.83 15.63 31.93
N VAL B 243 -41.01 15.31 30.95
CA VAL B 243 -41.48 14.97 29.62
C VAL B 243 -41.17 13.50 29.39
N ARG B 244 -42.17 12.75 28.92
CA ARG B 244 -41.94 11.36 28.55
C ARG B 244 -42.83 10.99 27.38
N LYS B 245 -42.23 10.49 26.31
CA LYS B 245 -43.01 9.99 25.19
C LYS B 245 -42.39 8.71 24.66
N LYS B 246 -43.21 7.66 24.57
CA LYS B 246 -42.80 6.45 23.85
C LYS B 246 -42.94 6.73 22.37
N THR B 247 -41.84 6.55 21.64
CA THR B 247 -41.74 6.90 20.23
C THR B 247 -40.69 6.00 19.61
N GLU B 248 -40.00 6.47 18.58
CA GLU B 248 -39.00 5.65 17.92
C GLU B 248 -37.91 6.55 17.35
N THR B 249 -36.75 5.95 17.10
CA THR B 249 -35.69 6.63 16.36
C THR B 249 -35.04 5.61 15.41
N TYR B 250 -33.91 5.97 14.78
CA TYR B 250 -33.52 5.28 13.55
C TYR B 250 -32.02 5.00 13.43
N ASN B 251 -31.70 3.81 12.94
CA ASN B 251 -30.39 3.52 12.34
C ASN B 251 -30.44 3.71 10.81
N VAL B 252 -29.31 4.08 10.23
CA VAL B 252 -29.20 4.18 8.77
C VAL B 252 -28.11 3.20 8.34
N VAL B 253 -28.48 2.23 7.51
CA VAL B 253 -27.55 1.16 7.14
C VAL B 253 -27.53 1.00 5.62
N ALA B 254 -26.33 0.84 5.08
CA ALA B 254 -26.16 0.65 3.64
C ALA B 254 -24.95 -0.25 3.41
N GLU B 255 -24.82 -0.79 2.21
CA GLU B 255 -23.64 -1.62 1.95
C GLU B 255 -23.31 -1.62 0.46
N THR B 256 -22.05 -1.89 0.14
CA THR B 256 -21.70 -2.11 -1.26
C THR B 256 -22.50 -3.30 -1.80
N ARG B 257 -23.02 -3.17 -3.02
CA ARG B 257 -23.63 -4.35 -3.60
C ARG B 257 -22.58 -5.35 -4.07
N ARG B 258 -21.37 -4.89 -4.41
CA ARG B 258 -20.25 -5.78 -4.73
C ARG B 258 -19.62 -6.33 -3.44
N GLY B 259 -18.79 -7.34 -3.62
CA GLY B 259 -18.04 -7.91 -2.50
C GLY B 259 -18.68 -9.18 -1.97
N ASN B 260 -17.86 -10.03 -1.35
CA ASN B 260 -18.32 -11.28 -0.75
C ASN B 260 -19.37 -11.00 0.32
N PRO B 261 -20.63 -11.42 0.14
CA PRO B 261 -21.66 -11.10 1.14
C PRO B 261 -21.57 -11.94 2.42
N ASN B 262 -20.71 -12.96 2.47
CA ASN B 262 -20.53 -13.77 3.67
C ASN B 262 -19.28 -13.37 4.43
N ASN B 263 -18.61 -12.31 4.00
CA ASN B 263 -17.39 -11.80 4.63
C ASN B 263 -17.49 -10.28 4.70
N VAL B 264 -18.40 -9.80 5.53
CA VAL B 264 -18.75 -8.40 5.58
C VAL B 264 -17.78 -7.67 6.50
N VAL B 265 -17.24 -6.57 6.00
CA VAL B 265 -16.45 -5.64 6.79
C VAL B 265 -17.37 -4.49 7.17
N MET B 266 -17.67 -4.36 8.45
CA MET B 266 -18.66 -3.39 8.89
C MET B 266 -18.00 -2.20 9.60
N VAL B 267 -18.46 -1.00 9.28
CA VAL B 267 -17.99 0.21 9.96
C VAL B 267 -19.21 0.98 10.47
N GLY B 268 -19.04 1.63 11.60
CA GLY B 268 -20.16 2.27 12.28
C GLY B 268 -19.73 3.56 12.96
N ALA B 269 -20.67 4.50 12.99
CA ALA B 269 -20.47 5.79 13.64
C ALA B 269 -21.83 6.27 14.11
N HIS B 270 -21.99 6.59 15.40
CA HIS B 270 -23.31 7.05 15.81
C HIS B 270 -23.59 8.44 15.27
N LEU B 271 -24.83 8.65 14.84
CA LEU B 271 -25.26 9.87 14.17
C LEU B 271 -25.97 10.86 15.09
N ASP B 272 -26.39 10.44 16.30
CA ASP B 272 -27.09 11.33 17.22
C ASP B 272 -26.13 12.16 18.06
N SER B 273 -26.57 13.34 18.48
CA SER B 273 -25.86 14.15 19.48
C SER B 273 -26.57 14.08 20.81
N VAL B 274 -25.91 14.62 21.84
CA VAL B 274 -26.62 14.82 23.10
C VAL B 274 -27.65 15.92 22.90
N PHE B 275 -28.57 16.03 23.86
CA PHE B 275 -29.61 17.05 23.80
C PHE B 275 -29.04 18.47 23.91
N GLU B 276 -27.88 18.62 24.52
CA GLU B 276 -27.35 19.92 24.90
C GLU B 276 -26.57 20.64 23.79
N GLY B 277 -26.35 20.03 22.63
CA GLY B 277 -25.58 20.70 21.60
C GLY B 277 -25.57 20.00 20.25
N PRO B 278 -24.84 20.59 19.29
CA PRO B 278 -24.90 20.08 17.92
C PRO B 278 -24.17 18.77 17.71
N GLY B 279 -23.26 18.40 18.60
CA GLY B 279 -22.50 17.16 18.45
C GLY B 279 -21.70 17.04 17.17
N ILE B 280 -20.88 18.05 16.87
CA ILE B 280 -20.13 18.04 15.62
C ILE B 280 -18.90 17.16 15.75
N ASN B 281 -18.11 17.32 16.80
CA ASN B 281 -17.07 16.32 17.03
C ASN B 281 -17.67 15.00 17.46
N ASP B 282 -18.62 15.05 18.39
CA ASP B 282 -19.27 13.86 18.96
C ASP B 282 -20.74 13.82 18.52
N ASN B 283 -21.04 13.09 17.44
CA ASN B 283 -20.07 12.35 16.65
C ASN B 283 -20.29 12.68 15.18
N GLY B 284 -20.46 13.97 14.88
CA GLY B 284 -20.44 14.38 13.48
C GLY B 284 -19.16 13.92 12.80
N SER B 285 -18.05 13.92 13.55
CA SER B 285 -16.76 13.66 12.94
C SER B 285 -16.69 12.25 12.36
N GLY B 286 -17.02 11.24 13.17
CA GLY B 286 -17.07 9.88 12.65
C GLY B 286 -18.12 9.71 11.57
N SER B 287 -19.29 10.29 11.78
CA SER B 287 -20.40 10.13 10.84
C SER B 287 -20.04 10.66 9.45
N ALA B 288 -19.45 11.85 9.41
CA ALA B 288 -19.17 12.54 8.17
C ALA B 288 -17.97 11.91 7.45
N ALA B 289 -16.95 11.48 8.21
CA ALA B 289 -15.83 10.79 7.58
C ALA B 289 -16.30 9.48 6.94
N GLN B 290 -17.09 8.70 7.68
CA GLN B 290 -17.62 7.47 7.14
C GLN B 290 -18.52 7.71 5.94
N LEU B 291 -19.29 8.80 5.95
CA LEU B 291 -20.13 9.09 4.82
C LEU B 291 -19.29 9.37 3.57
N GLU B 292 -18.27 10.23 3.69
CA GLU B 292 -17.37 10.49 2.55
C GLU B 292 -16.75 9.19 2.05
N MET B 293 -16.30 8.33 2.98
CA MET B 293 -15.74 7.05 2.58
C MET B 293 -16.74 6.22 1.80
N ALA B 294 -17.98 6.15 2.30
CA ALA B 294 -18.99 5.36 1.62
C ALA B 294 -19.25 5.88 0.20
N VAL B 295 -19.26 7.21 0.05
CA VAL B 295 -19.43 7.82 -1.27
C VAL B 295 -18.33 7.35 -2.22
N LEU B 296 -17.08 7.40 -1.74
CA LEU B 296 -15.97 6.96 -2.58
C LEU B 296 -16.08 5.47 -2.91
N LEU B 297 -16.40 4.65 -1.92
CA LEU B 297 -16.46 3.21 -2.10
C LEU B 297 -17.59 2.76 -3.02
N ALA B 298 -18.56 3.64 -3.29
CA ALA B 298 -19.59 3.30 -4.28
C ALA B 298 -18.99 2.83 -5.61
N LYS B 299 -17.85 3.39 -6.02
CA LYS B 299 -17.22 2.96 -7.28
C LYS B 299 -16.21 1.83 -7.11
N ALA B 300 -15.95 1.34 -5.90
CA ALA B 300 -14.87 0.39 -5.73
C ALA B 300 -15.24 -1.00 -6.24
N LEU B 301 -14.23 -1.86 -6.34
CA LEU B 301 -14.41 -3.27 -6.63
C LEU B 301 -13.81 -4.05 -5.47
N PRO B 302 -14.50 -4.10 -4.33
CA PRO B 302 -13.94 -4.83 -3.18
C PRO B 302 -14.04 -6.33 -3.37
N VAL B 303 -13.06 -7.05 -2.79
CA VAL B 303 -13.21 -8.48 -2.62
C VAL B 303 -14.33 -8.78 -1.63
N ASN B 304 -14.34 -8.06 -0.52
CA ASN B 304 -15.25 -8.30 0.59
C ASN B 304 -16.27 -7.17 0.69
N LYS B 305 -17.52 -7.52 0.94
CA LYS B 305 -18.56 -6.51 1.04
C LYS B 305 -18.29 -5.61 2.25
N VAL B 306 -18.51 -4.32 2.07
CA VAL B 306 -18.39 -3.31 3.12
C VAL B 306 -19.78 -2.82 3.47
N ARG B 307 -20.10 -2.85 4.77
CA ARG B 307 -21.35 -2.31 5.28
C ARG B 307 -21.08 -1.10 6.17
N PHE B 308 -21.91 -0.07 6.03
CA PHE B 308 -21.81 1.18 6.76
C PHE B 308 -23.06 1.37 7.60
N ALA B 309 -22.88 1.76 8.87
CA ALA B 309 -24.01 2.05 9.75
C ALA B 309 -23.82 3.37 10.47
N TRP B 310 -24.85 4.19 10.45
CA TRP B 310 -24.96 5.38 11.28
C TRP B 310 -25.97 5.08 12.38
N TRP B 311 -25.49 5.00 13.62
CA TRP B 311 -26.29 4.50 14.74
C TRP B 311 -27.11 5.61 15.38
N GLY B 312 -28.38 5.32 15.61
CA GLY B 312 -29.20 6.19 16.43
C GLY B 312 -29.07 5.88 17.93
N ALA B 313 -29.38 6.91 18.73
CA ALA B 313 -29.59 6.82 20.18
C ALA B 313 -28.39 6.20 20.92
N GLU B 314 -27.19 6.52 20.47
CA GLU B 314 -26.00 6.08 21.19
C GLU B 314 -25.83 6.85 22.50
N GLU B 315 -26.21 8.14 22.50
CA GLU B 315 -26.05 8.94 23.71
C GLU B 315 -27.03 8.55 24.80
N ALA B 316 -28.07 7.78 24.50
CA ALA B 316 -28.93 7.26 25.54
C ALA B 316 -28.54 5.84 25.98
N GLY B 317 -27.36 5.35 25.57
CA GLY B 317 -26.90 4.05 26.01
C GLY B 317 -26.82 2.97 24.95
N LEU B 318 -26.20 3.30 23.80
CA LEU B 318 -25.93 2.34 22.72
C LEU B 318 -27.20 1.66 22.22
N VAL B 319 -28.30 2.42 22.12
CA VAL B 319 -29.58 1.78 21.88
C VAL B 319 -29.66 1.27 20.44
N GLY B 320 -29.19 2.07 19.49
CA GLY B 320 -29.32 1.70 18.09
C GLY B 320 -28.44 0.54 17.70
N SER B 321 -27.16 0.61 18.05
CA SER B 321 -26.23 -0.46 17.69
C SER B 321 -26.56 -1.75 18.42
N THR B 322 -26.98 -1.65 19.69
CA THR B 322 -27.38 -2.85 20.42
C THR B 322 -28.63 -3.47 19.81
N HIS B 323 -29.62 -2.63 19.48
CA HIS B 323 -30.82 -3.14 18.84
C HIS B 323 -30.49 -3.84 17.53
N TYR B 324 -29.71 -3.18 16.66
CA TYR B 324 -29.32 -3.79 15.39
C TYR B 324 -28.67 -5.15 15.58
N VAL B 325 -27.68 -5.24 16.48
CA VAL B 325 -26.95 -6.48 16.64
C VAL B 325 -27.86 -7.57 17.19
N GLN B 326 -28.59 -7.27 18.25
CA GLN B 326 -29.39 -8.30 18.89
C GLN B 326 -30.54 -8.77 17.99
N ASN B 327 -30.94 -7.98 17.00
CA ASN B 327 -32.05 -8.38 16.14
C ASN B 327 -31.57 -8.88 14.79
N LEU B 328 -30.28 -9.16 14.65
CA LEU B 328 -29.79 -9.87 13.49
C LEU B 328 -30.06 -11.36 13.68
N ALA B 329 -30.46 -12.01 12.59
CA ALA B 329 -30.54 -13.46 12.62
C ALA B 329 -29.14 -14.03 12.79
N PRO B 330 -28.99 -15.16 13.51
CA PRO B 330 -27.66 -15.75 13.68
C PRO B 330 -26.87 -15.96 12.38
N GLU B 331 -27.53 -16.44 11.31
CA GLU B 331 -26.86 -16.57 10.02
C GLU B 331 -26.37 -15.22 9.49
N GLU B 332 -27.15 -14.16 9.67
CA GLU B 332 -26.70 -12.83 9.24
C GLU B 332 -25.56 -12.34 10.11
N LYS B 333 -25.64 -12.60 11.42
CA LYS B 333 -24.57 -12.21 12.33
C LYS B 333 -23.27 -12.93 12.01
N LYS B 334 -23.33 -14.15 11.48
CA LYS B 334 -22.07 -14.83 11.21
C LYS B 334 -21.38 -14.36 9.93
N LYS B 335 -22.01 -13.48 9.13
CA LYS B 335 -21.37 -12.91 7.95
C LYS B 335 -20.50 -11.70 8.27
N ILE B 336 -20.69 -11.08 9.43
CA ILE B 336 -19.87 -9.93 9.80
C ILE B 336 -18.53 -10.42 10.35
N LYS B 337 -17.46 -10.21 9.56
CA LYS B 337 -16.11 -10.61 9.93
C LYS B 337 -15.42 -9.59 10.85
N ALA B 338 -15.75 -8.31 10.72
CA ALA B 338 -15.09 -7.31 11.55
C ALA B 338 -15.95 -6.06 11.68
N TYR B 339 -15.86 -5.39 12.83
CA TYR B 339 -16.52 -4.12 13.10
C TYR B 339 -15.49 -3.05 13.47
N LEU B 340 -15.57 -1.91 12.78
CA LEU B 340 -14.68 -0.78 13.01
C LEU B 340 -15.53 0.39 13.49
N ASN B 341 -15.18 0.95 14.65
CA ASN B 341 -15.96 1.99 15.27
C ASN B 341 -15.17 3.30 15.23
N PHE B 342 -15.85 4.35 14.80
CA PHE B 342 -15.27 5.69 14.67
C PHE B 342 -16.20 6.65 15.39
N ASP B 343 -15.81 7.02 16.61
CA ASP B 343 -16.62 7.85 17.49
C ASP B 343 -15.71 8.90 18.10
N MET B 344 -15.83 10.15 17.62
CA MET B 344 -15.03 11.32 18.00
C MET B 344 -13.61 11.21 17.47
N ILE B 345 -13.37 11.77 16.28
CA ILE B 345 -12.06 11.71 15.62
C ILE B 345 -11.60 13.09 15.14
N GLY B 346 -12.19 14.15 15.68
CA GLY B 346 -11.75 15.50 15.36
C GLY B 346 -11.56 16.39 16.59
N SER B 347 -11.08 15.83 17.69
CA SER B 347 -11.04 16.57 18.95
C SER B 347 -10.08 17.76 18.85
N PRO B 348 -10.46 18.92 19.40
CA PRO B 348 -9.60 20.12 19.27
C PRO B 348 -8.23 19.93 19.87
N ASN B 349 -8.13 19.27 21.02
CA ASN B 349 -6.85 19.02 21.67
C ASN B 349 -6.51 17.54 21.55
N PHE B 350 -6.50 17.03 20.32
CA PHE B 350 -6.57 15.60 20.04
C PHE B 350 -5.32 14.82 20.46
N GLY B 351 -5.55 13.53 20.74
CA GLY B 351 -4.50 12.53 20.68
C GLY B 351 -4.84 11.48 19.61
N ASN B 352 -3.82 10.70 19.25
CA ASN B 352 -4.01 9.61 18.29
C ASN B 352 -4.20 8.30 19.07
N PHE B 353 -5.46 7.97 19.36
CA PHE B 353 -5.76 6.81 20.21
C PHE B 353 -6.37 5.69 19.40
N ILE B 354 -5.90 4.47 19.62
CA ILE B 354 -6.38 3.27 18.97
C ILE B 354 -6.93 2.32 20.02
N TYR B 355 -8.11 1.74 19.76
CA TYR B 355 -8.66 0.78 20.71
C TYR B 355 -7.65 -0.32 21.00
N ASP B 356 -7.48 -0.62 22.29
CA ASP B 356 -6.44 -1.55 22.77
C ASP B 356 -6.94 -2.99 22.58
N GLY B 357 -7.05 -3.38 21.32
CA GLY B 357 -7.71 -4.64 21.00
C GLY B 357 -6.98 -5.88 21.48
N ASP B 358 -5.65 -5.82 21.56
CA ASP B 358 -4.88 -6.95 22.06
C ASP B 358 -4.68 -6.93 23.57
N GLY B 359 -5.26 -5.96 24.28
CA GLY B 359 -5.08 -5.91 25.71
C GLY B 359 -3.69 -5.52 26.17
N SER B 360 -2.79 -5.15 25.25
CA SER B 360 -1.41 -4.87 25.62
C SER B 360 -1.30 -3.74 26.65
N ASP B 361 -2.17 -2.74 26.55
CA ASP B 361 -2.05 -1.60 27.47
C ASP B 361 -2.91 -1.74 28.71
N PHE B 362 -4.10 -2.33 28.60
CA PHE B 362 -5.03 -2.30 29.71
C PHE B 362 -5.56 -3.65 30.12
N GLY B 363 -5.13 -4.73 29.48
CA GLY B 363 -5.45 -6.08 29.94
C GLY B 363 -6.72 -6.67 29.36
N LEU B 364 -7.52 -5.91 28.65
CA LEU B 364 -8.77 -6.39 28.09
C LEU B 364 -8.58 -6.64 26.59
N GLN B 365 -8.73 -7.90 26.17
CA GLN B 365 -8.61 -8.23 24.76
C GLN B 365 -10.00 -8.28 24.14
N GLY B 366 -10.07 -7.91 22.86
CA GLY B 366 -11.29 -8.12 22.11
C GLY B 366 -11.42 -9.55 21.67
N PRO B 367 -12.52 -9.84 20.97
CA PRO B 367 -12.68 -11.18 20.36
C PRO B 367 -11.55 -11.46 19.39
N PRO B 368 -11.25 -12.73 19.11
CA PRO B 368 -10.14 -13.05 18.18
C PRO B 368 -10.24 -12.26 16.89
N GLY B 369 -9.12 -11.68 16.48
CA GLY B 369 -9.06 -10.78 15.36
C GLY B 369 -8.93 -9.31 15.74
N SER B 370 -9.46 -8.93 16.90
CA SER B 370 -9.26 -7.58 17.41
C SER B 370 -7.79 -7.15 17.36
N ALA B 371 -6.88 -8.04 17.78
CA ALA B 371 -5.46 -7.70 17.81
C ALA B 371 -4.96 -7.27 16.43
N ALA B 372 -5.33 -8.01 15.39
CA ALA B 372 -4.86 -7.69 14.05
C ALA B 372 -5.46 -6.37 13.55
N ILE B 373 -6.71 -6.09 13.92
CA ILE B 373 -7.32 -4.81 13.54
C ILE B 373 -6.54 -3.65 14.17
N GLU B 374 -6.19 -3.81 15.45
CA GLU B 374 -5.41 -2.78 16.13
C GLU B 374 -4.06 -2.58 15.46
N ARG B 375 -3.41 -3.68 15.08
CA ARG B 375 -2.11 -3.59 14.41
C ARG B 375 -2.24 -2.93 13.04
N LEU B 376 -3.36 -3.14 12.35
CA LEU B 376 -3.58 -2.43 11.09
C LEU B 376 -3.61 -0.91 11.29
N PHE B 377 -4.37 -0.45 12.30
CA PHE B 377 -4.39 0.98 12.63
C PHE B 377 -3.00 1.49 13.04
N GLU B 378 -2.31 0.74 13.92
CA GLU B 378 -0.97 1.13 14.35
C GLU B 378 -0.04 1.27 13.17
N ALA B 379 -0.10 0.30 12.26
CA ALA B 379 0.75 0.31 11.09
C ALA B 379 0.52 1.58 10.29
N TYR B 380 -0.75 1.94 10.06
CA TYR B 380 -0.99 3.15 9.28
C TYR B 380 -0.36 4.35 9.95
N PHE B 381 -0.58 4.53 11.25
CA PHE B 381 -0.01 5.69 11.91
C PHE B 381 1.51 5.70 11.78
N ARG B 382 2.15 4.54 11.95
CA ARG B 382 3.61 4.50 11.84
C ARG B 382 4.05 4.87 10.43
N LEU B 383 3.28 4.45 9.42
CA LEU B 383 3.68 4.78 8.06
C LEU B 383 3.47 6.27 7.76
N ARG B 384 2.51 6.90 8.42
CA ARG B 384 2.41 8.35 8.26
C ARG B 384 3.51 9.11 8.99
N GLY B 385 4.42 8.43 9.66
CA GLY B 385 5.36 9.10 10.55
C GLY B 385 4.70 9.73 11.76
N GLN B 386 3.61 9.15 12.26
CA GLN B 386 2.83 9.73 13.34
C GLN B 386 2.82 8.79 14.53
N GLN B 387 2.79 9.39 15.71
CA GLN B 387 2.67 8.67 16.96
C GLN B 387 1.24 8.21 17.19
N SER B 388 1.09 7.15 17.97
CA SER B 388 -0.20 6.58 18.32
C SER B 388 -0.08 5.84 19.64
N GLU B 389 -1.22 5.66 20.32
CA GLU B 389 -1.24 4.88 21.55
C GLU B 389 -2.61 4.26 21.78
N GLY B 390 -2.66 3.30 22.68
CA GLY B 390 -3.90 2.60 22.93
C GLY B 390 -4.83 3.37 23.83
N THR B 391 -6.11 3.03 23.76
CA THR B 391 -7.09 3.62 24.65
C THR B 391 -8.02 2.52 25.16
N GLU B 392 -8.61 2.79 26.32
CA GLU B 392 -9.34 1.77 27.06
C GLU B 392 -10.59 1.32 26.33
N ILE B 393 -10.86 0.02 26.41
CA ILE B 393 -12.17 -0.53 25.98
C ILE B 393 -13.10 -0.42 27.19
N ASP B 394 -13.63 0.78 27.40
CA ASP B 394 -14.55 0.99 28.49
C ASP B 394 -16.02 0.78 28.10
N PHE B 395 -16.28 0.34 26.87
CA PHE B 395 -17.63 0.07 26.36
C PHE B 395 -18.50 1.33 26.34
N ARG B 396 -17.92 2.47 25.96
CA ARG B 396 -18.67 3.72 25.88
C ARG B 396 -19.04 4.08 24.43
N SER B 397 -19.01 3.11 23.52
CA SER B 397 -19.49 3.37 22.17
C SER B 397 -20.05 2.08 21.58
N ASP B 398 -20.39 2.11 20.29
CA ASP B 398 -21.32 1.19 19.69
C ASP B 398 -20.72 -0.17 19.36
N TYR B 399 -19.42 -0.36 19.59
CA TYR B 399 -18.82 -1.68 19.45
C TYR B 399 -19.27 -2.66 20.53
N ALA B 400 -19.88 -2.19 21.61
CA ALA B 400 -20.17 -3.05 22.77
C ALA B 400 -20.90 -4.33 22.37
N GLU B 401 -22.03 -4.21 21.68
CA GLU B 401 -22.81 -5.41 21.35
C GLU B 401 -22.10 -6.31 20.34
N PHE B 402 -21.20 -5.75 19.51
CA PHE B 402 -20.36 -6.57 18.63
C PHE B 402 -19.35 -7.37 19.44
N PHE B 403 -18.70 -6.72 20.41
CA PHE B 403 -17.87 -7.40 21.38
C PHE B 403 -18.67 -8.51 22.04
N ASN B 404 -19.89 -8.19 22.46
CA ASN B 404 -20.76 -9.14 23.12
C ASN B 404 -21.13 -10.31 22.20
N SER B 405 -21.06 -10.12 20.89
CA SER B 405 -21.34 -11.22 19.96
C SER B 405 -20.09 -11.98 19.54
N GLY B 406 -18.93 -11.65 20.08
CA GLY B 406 -17.70 -12.30 19.67
C GLY B 406 -17.17 -11.87 18.32
N ILE B 407 -17.54 -10.70 17.83
CA ILE B 407 -17.03 -10.23 16.54
C ILE B 407 -15.75 -9.44 16.76
N ALA B 408 -14.73 -9.72 15.95
CA ALA B 408 -13.53 -8.90 15.95
C ALA B 408 -13.85 -7.45 15.64
N PHE B 409 -13.26 -6.53 16.41
CA PHE B 409 -13.55 -5.12 16.28
C PHE B 409 -12.32 -4.28 16.61
N GLY B 410 -12.38 -3.02 16.18
CA GLY B 410 -11.38 -2.03 16.52
C GLY B 410 -11.94 -0.65 16.26
N GLY B 411 -11.09 0.37 16.43
CA GLY B 411 -11.56 1.71 16.11
C GLY B 411 -10.60 2.80 16.53
N LEU B 412 -11.01 4.02 16.23
CA LEU B 412 -10.20 5.21 16.48
C LEU B 412 -10.93 6.20 17.40
N PHE B 413 -10.14 7.06 18.05
CA PHE B 413 -10.60 7.98 19.09
C PHE B 413 -9.57 9.09 19.24
N THR B 414 -10.02 10.33 19.32
CA THR B 414 -9.11 11.46 19.54
C THR B 414 -9.22 12.06 20.95
N GLY B 415 -10.11 11.53 21.79
CA GLY B 415 -10.21 11.86 23.21
C GLY B 415 -11.42 12.73 23.52
N ALA B 416 -11.92 12.59 24.76
CA ALA B 416 -13.09 13.37 25.17
C ALA B 416 -12.78 14.16 26.44
N GLU B 417 -13.37 13.79 27.60
CA GLU B 417 -13.14 14.55 28.82
C GLU B 417 -11.82 14.21 29.50
N GLY B 418 -11.10 13.19 29.03
CA GLY B 418 -9.78 12.91 29.58
C GLY B 418 -8.85 14.10 29.41
N LEU B 419 -7.80 14.13 30.23
CA LEU B 419 -6.85 15.25 30.23
C LEU B 419 -5.55 14.84 29.52
N LYS B 420 -5.01 15.76 28.74
CA LYS B 420 -3.82 15.44 27.95
C LYS B 420 -2.56 15.53 28.83
N THR B 421 -1.77 14.46 28.84
CA THR B 421 -0.50 14.50 29.55
C THR B 421 0.51 15.31 28.73
N GLU B 422 1.61 15.70 29.39
CA GLU B 422 2.63 16.44 28.65
C GLU B 422 3.34 15.56 27.62
N GLU B 423 3.51 14.27 27.92
CA GLU B 423 4.03 13.36 26.90
C GLU B 423 3.12 13.33 25.68
N GLN B 424 1.80 13.26 25.90
CA GLN B 424 0.88 13.32 24.77
C GLN B 424 0.95 14.66 24.07
N ALA B 425 1.12 15.75 24.84
CA ALA B 425 1.29 17.06 24.23
C ALA B 425 2.48 17.07 23.28
N GLN B 426 3.57 16.39 23.64
CA GLN B 426 4.73 16.39 22.76
C GLN B 426 4.53 15.48 21.56
N LYS B 427 3.73 14.42 21.71
CA LYS B 427 3.50 13.53 20.57
C LYS B 427 2.50 14.12 19.59
N TYR B 428 1.51 14.86 20.06
CA TYR B 428 0.40 15.29 19.22
C TYR B 428 0.22 16.79 19.18
N GLY B 429 1.10 17.56 19.82
CA GLY B 429 0.82 18.97 19.96
C GLY B 429 -0.30 19.14 20.99
N GLY B 430 -0.91 20.31 20.93
CA GLY B 430 -2.00 20.62 21.84
C GLY B 430 -1.49 21.15 23.18
N THR B 431 -2.30 20.95 24.21
CA THR B 431 -2.06 21.57 25.51
C THR B 431 -2.17 20.52 26.58
N ALA B 432 -1.08 20.29 27.30
CA ALA B 432 -1.10 19.37 28.43
C ALA B 432 -2.00 19.92 29.53
N GLY B 433 -2.58 19.01 30.31
CA GLY B 433 -3.39 19.41 31.44
C GLY B 433 -4.75 19.93 31.08
N LYS B 434 -5.11 19.87 29.80
CA LYS B 434 -6.43 20.27 29.32
C LYS B 434 -7.13 19.04 28.74
N ALA B 435 -8.45 19.14 28.62
CA ALA B 435 -9.21 18.04 28.08
C ALA B 435 -8.94 17.90 26.59
N TYR B 436 -8.94 16.65 26.09
CA TYR B 436 -8.84 16.42 24.65
C TYR B 436 -9.93 17.17 23.89
N ASP B 437 -11.14 17.22 24.47
CA ASP B 437 -12.25 18.01 23.96
C ASP B 437 -12.91 18.71 25.15
N GLU B 438 -12.53 19.97 25.39
CA GLU B 438 -13.18 20.76 26.42
C GLU B 438 -14.65 21.06 26.14
N CYS B 439 -15.12 20.81 24.91
CA CYS B 439 -16.52 21.03 24.53
C CYS B 439 -17.28 19.73 24.40
N TYR B 440 -16.77 18.66 24.99
CA TYR B 440 -17.47 17.40 25.07
C TYR B 440 -18.89 17.59 25.58
N HIS B 441 -19.86 17.11 24.80
CA HIS B 441 -21.26 17.08 25.23
C HIS B 441 -21.78 18.47 25.59
N SER B 442 -21.27 19.50 24.92
CA SER B 442 -21.62 20.88 25.21
C SER B 442 -22.19 21.57 23.98
N LYS B 443 -22.74 22.76 24.23
CA LYS B 443 -23.22 23.64 23.17
C LYS B 443 -22.09 24.08 22.24
N CYS B 444 -20.89 24.23 22.76
CA CYS B 444 -19.75 24.66 21.96
C CYS B 444 -19.15 23.54 21.11
N ASP B 445 -19.71 22.31 21.13
CA ASP B 445 -19.21 21.22 20.25
C ASP B 445 -19.72 21.45 18.82
N GLY B 446 -19.22 22.54 18.22
CA GLY B 446 -19.61 22.97 16.89
C GLY B 446 -18.52 22.77 15.86
N ILE B 447 -18.76 23.32 14.67
CA ILE B 447 -17.79 23.14 13.59
C ILE B 447 -16.45 23.73 13.98
N ALA B 448 -16.44 24.75 14.83
CA ALA B 448 -15.22 25.40 15.31
C ALA B 448 -14.52 24.57 16.38
N ASN B 449 -15.17 23.53 16.89
CA ASN B 449 -14.54 22.62 17.82
C ASN B 449 -13.67 21.55 17.12
N ILE B 450 -13.68 21.50 15.78
CA ILE B 450 -13.05 20.42 15.03
C ILE B 450 -11.60 20.75 14.73
N ASN B 451 -10.70 19.85 15.08
CA ASN B 451 -9.30 19.91 14.66
C ASN B 451 -9.13 19.14 13.34
N GLN B 452 -8.77 19.86 12.28
CA GLN B 452 -8.72 19.34 10.92
C GLN B 452 -7.52 18.44 10.68
N ASP B 453 -6.40 18.67 11.36
CA ASP B 453 -5.29 17.74 11.30
C ASP B 453 -5.70 16.37 11.84
N ALA B 454 -6.33 16.36 13.01
CA ALA B 454 -6.85 15.11 13.56
C ALA B 454 -7.81 14.46 12.57
N LEU B 455 -8.76 15.25 12.06
CA LEU B 455 -9.78 14.72 11.16
C LEU B 455 -9.16 14.08 9.93
N GLU B 456 -8.16 14.75 9.34
CA GLU B 456 -7.50 14.22 8.16
C GLU B 456 -6.80 12.91 8.47
N ILE B 457 -5.99 12.86 9.53
CA ILE B 457 -5.21 11.65 9.77
C ILE B 457 -6.10 10.47 10.18
N HIS B 458 -7.15 10.73 10.98
CA HIS B 458 -8.01 9.61 11.38
C HIS B 458 -8.96 9.18 10.27
N SER B 459 -9.45 10.10 9.44
CA SER B 459 -10.17 9.69 8.24
C SER B 459 -9.28 8.84 7.35
N ASP B 460 -8.02 9.23 7.19
CA ASP B 460 -7.09 8.44 6.39
C ASP B 460 -6.91 7.03 6.98
N ALA B 461 -6.78 6.94 8.30
CA ALA B 461 -6.63 5.63 8.93
C ALA B 461 -7.89 4.79 8.78
N MET B 462 -9.05 5.43 8.97
CA MET B 462 -10.33 4.75 8.73
C MET B 462 -10.35 4.14 7.33
N ALA B 463 -9.98 4.95 6.33
CA ALA B 463 -9.98 4.49 4.93
C ALA B 463 -8.97 3.38 4.73
N PHE B 464 -7.77 3.53 5.29
CA PHE B 464 -6.72 2.53 5.12
C PHE B 464 -7.16 1.17 5.61
N VAL B 465 -7.67 1.10 6.85
CA VAL B 465 -7.99 -0.19 7.42
C VAL B 465 -9.22 -0.79 6.74
N THR B 466 -10.24 0.04 6.48
CA THR B 466 -11.43 -0.47 5.79
C THR B 466 -11.06 -1.02 4.40
N SER B 467 -10.28 -0.26 3.61
CA SER B 467 -9.87 -0.73 2.29
C SER B 467 -9.10 -2.05 2.37
N TRP B 468 -8.08 -2.07 3.23
CA TRP B 468 -7.29 -3.28 3.45
C TRP B 468 -8.18 -4.49 3.67
N LEU B 469 -9.05 -4.40 4.69
CA LEU B 469 -9.92 -5.53 5.01
C LEU B 469 -10.88 -5.85 3.87
N SER B 470 -11.36 -4.84 3.13
CA SER B 470 -12.18 -5.09 1.95
C SER B 470 -11.41 -5.85 0.87
N LEU B 471 -10.08 -5.83 0.91
CA LEU B 471 -9.35 -6.68 -0.03
C LEU B 471 -9.01 -8.02 0.58
N SER B 472 -8.56 -8.05 1.83
CA SER B 472 -8.24 -9.32 2.48
C SER B 472 -8.49 -9.20 3.98
N THR B 473 -9.32 -10.10 4.52
CA THR B 473 -9.49 -10.25 5.97
C THR B 473 -8.51 -11.25 6.58
N LYS B 474 -7.38 -11.55 5.90
CA LYS B 474 -6.64 -12.74 6.29
C LYS B 474 -5.89 -12.57 7.59
N VAL B 475 -5.52 -11.34 7.98
CA VAL B 475 -4.85 -11.22 9.26
C VAL B 475 -5.84 -11.35 10.41
N VAL B 476 -7.12 -11.14 10.13
CA VAL B 476 -8.17 -11.40 11.12
C VAL B 476 -8.51 -12.88 11.13
N ASP B 477 -8.66 -13.47 9.94
CA ASP B 477 -8.94 -14.90 9.87
C ASP B 477 -7.85 -15.72 10.55
N ASP B 478 -6.59 -15.30 10.43
CA ASP B 478 -5.49 -16.03 11.05
C ASP B 478 -5.63 -16.06 12.56
N GLU B 479 -6.05 -14.95 13.18
CA GLU B 479 -6.22 -14.97 14.62
C GLU B 479 -7.46 -15.75 15.03
N ILE B 480 -8.53 -15.65 14.23
CA ILE B 480 -9.71 -16.46 14.53
C ILE B 480 -9.34 -17.94 14.50
N ALA B 481 -8.58 -18.36 13.49
CA ALA B 481 -8.17 -19.76 13.38
C ALA B 481 -7.26 -20.17 14.54
N ALA B 482 -6.25 -19.35 14.84
CA ALA B 482 -5.34 -19.69 15.94
C ALA B 482 -6.07 -19.84 17.27
N ALA B 483 -7.04 -18.96 17.55
CA ALA B 483 -7.68 -19.07 18.87
C ALA B 483 -8.81 -20.09 18.89
N GLY B 484 -9.43 -20.37 17.76
CA GLY B 484 -10.62 -21.19 17.75
C GLY B 484 -10.40 -22.62 17.31
N GLN B 485 -9.45 -22.86 16.41
CA GLN B 485 -9.24 -24.20 15.85
C GLN B 485 -8.48 -25.08 16.83
N LYS B 486 -9.17 -26.01 17.45
CA LYS B 486 -8.51 -26.88 18.40
C LYS B 486 -7.98 -28.10 17.62
N LEU B 487 -7.58 -29.15 18.32
CA LEU B 487 -6.68 -30.13 17.72
C LEU B 487 -7.41 -31.01 16.70
N VAL B 488 -6.86 -31.06 15.49
CA VAL B 488 -7.40 -31.87 14.39
C VAL B 488 -6.61 -33.18 14.31
N PRO B 489 -7.24 -34.33 14.49
CA PRO B 489 -6.52 -35.62 14.50
C PRO B 489 -6.35 -36.29 13.15
N ARG B 490 -6.91 -35.72 12.08
CA ARG B 490 -6.79 -36.28 10.75
C ARG B 490 -6.99 -35.17 9.74
ZN ZN C . 23.88 0.38 -18.16
ZN ZN D . 26.41 1.51 -20.12
ZN ZN E . 36.11 -17.63 -55.10
ZN ZN F . 3.60 6.37 -21.55
ZN ZN G . -21.13 11.13 23.46
ZN ZN H . -19.85 9.57 20.80
ZN ZN I . -2.50 -2.64 22.20
#